data_5IUU
#
_entry.id   5IUU
#
_cell.length_a   80.889
_cell.length_b   109.068
_cell.length_c   143.912
_cell.angle_alpha   90.00
_cell.angle_beta   90.00
_cell.angle_gamma   90.00
#
_symmetry.space_group_name_H-M   'P 2 21 21'
#
loop_
_entity.id
_entity.type
_entity.pdbx_description
1 polymer 'Aldehyde dehydrogenase family protein'
2 water water
#
_entity_poly.entity_id   1
_entity_poly.type   'polypeptide(L)'
_entity_poly.pdbx_seq_one_letter_code
;MTTLTRADWEQRAQNLKIEGRAFIQGEYTAAASGETFDCISPVDGRLLAKVASCDAADAQRAVESARSAFDSGAWSRLAP
AKRKATMIRFAGLLEQNAEELALLETLDMGKPISDSLGVDIPGGARALSWSGEAIDKLYDEVAATPHDQLGLVTREPVGV
VAAIVPWNFPLMMACWKLGPALSTGNSVVLKPSEKSPLTAIRIAQLAIEAGIPAGVLNVLPGYGHTVGKALALHMDVDTV
VFTGSTKIAKQLMIYAGESNMKRVWLEAGGKSPNIVFADAPDLQAAADSAASAIAFNQGEVCTAGSRLLVERSIKDRFLP
MVIEALGTWKPGNPLDPATNVGALVDTQQMNTVLSYIAAGHTDGARLVAGGKQILQETGGTYVEPTIFDGVNNAMRIAQE
EIFGPVLSVLTFDTAEEAIQIANDTPYGLAAAVWTANLSKAHLTARALRAGSVWVNQYDGGDMTAPFGGFKQSGNGRDKS
LHAFDKYTELKSTWIKL
;
_entity_poly.pdbx_strand_id   A,B
#
# COMPACT_ATOMS: atom_id res chain seq x y z
N THR A 3 -9.74 25.63 -36.59
CA THR A 3 -10.47 24.82 -35.61
C THR A 3 -11.65 24.10 -36.29
N LEU A 4 -11.77 22.81 -36.00
CA LEU A 4 -12.76 21.98 -36.66
C LEU A 4 -14.16 22.30 -36.17
N THR A 5 -15.10 22.30 -37.09
CA THR A 5 -16.51 22.52 -36.80
C THR A 5 -17.17 21.20 -36.46
N ARG A 6 -18.43 21.28 -36.05
CA ARG A 6 -19.19 20.06 -35.82
C ARG A 6 -19.29 19.22 -37.09
N ALA A 7 -19.42 19.87 -38.26
CA ALA A 7 -19.54 19.13 -39.50
C ALA A 7 -18.24 18.40 -39.83
N ASP A 8 -17.09 19.07 -39.61
CA ASP A 8 -15.80 18.40 -39.77
C ASP A 8 -15.70 17.15 -38.90
N TRP A 9 -16.12 17.26 -37.62
CA TRP A 9 -16.07 16.10 -36.74
C TRP A 9 -17.05 15.02 -37.19
N GLU A 10 -18.23 15.42 -37.65
CA GLU A 10 -19.18 14.43 -38.17
C GLU A 10 -18.59 13.66 -39.33
N GLN A 11 -17.92 14.35 -40.25
CA GLN A 11 -17.31 13.68 -41.38
C GLN A 11 -16.18 12.76 -40.93
N ARG A 12 -15.32 13.27 -40.05
CA ARG A 12 -14.25 12.43 -39.50
C ARG A 12 -14.81 11.20 -38.80
N ALA A 13 -15.92 11.36 -38.07
CA ALA A 13 -16.53 10.22 -37.39
C ALA A 13 -16.96 9.16 -38.39
N GLN A 14 -17.67 9.57 -39.44
CA GLN A 14 -18.11 8.62 -40.45
C GLN A 14 -16.93 7.92 -41.10
N ASN A 15 -15.81 8.63 -41.25
CA ASN A 15 -14.71 8.10 -42.05
C ASN A 15 -13.70 7.29 -41.24
N LEU A 16 -13.87 7.19 -39.92
CA LEU A 16 -12.98 6.34 -39.12
C LEU A 16 -13.13 4.90 -39.50
N LYS A 17 -12.02 4.18 -39.47
CA LYS A 17 -12.02 2.73 -39.38
C LYS A 17 -11.60 2.38 -37.94
N ILE A 18 -12.46 1.69 -37.20
CA ILE A 18 -12.26 1.51 -35.77
C ILE A 18 -11.82 0.09 -35.50
N GLU A 19 -10.66 -0.06 -34.86
CA GLU A 19 -10.15 -1.37 -34.42
C GLU A 19 -10.87 -1.82 -33.16
N GLY A 20 -11.28 -3.10 -33.13
CA GLY A 20 -12.05 -3.62 -32.01
C GLY A 20 -11.42 -4.82 -31.33
N ARG A 21 -10.29 -5.29 -31.83
CA ARG A 21 -9.72 -6.50 -31.30
C ARG A 21 -8.92 -6.26 -30.01
N ALA A 22 -8.64 -7.35 -29.31
CA ALA A 22 -7.72 -7.32 -28.18
C ALA A 22 -6.28 -7.28 -28.70
N PHE A 23 -5.33 -7.01 -27.80
CA PHE A 23 -3.93 -6.87 -28.19
C PHE A 23 -3.02 -7.66 -27.25
N ILE A 24 -2.36 -8.69 -27.78
CA ILE A 24 -1.53 -9.58 -26.99
C ILE A 24 -0.27 -9.89 -27.77
N GLN A 25 0.88 -9.72 -27.11
CA GLN A 25 2.17 -10.10 -27.69
C GLN A 25 2.40 -9.41 -29.04
N GLY A 26 2.13 -8.11 -29.07
CA GLY A 26 2.44 -7.29 -30.23
C GLY A 26 1.46 -7.39 -31.39
N GLU A 27 0.36 -8.13 -31.24
CA GLU A 27 -0.59 -8.30 -32.34
C GLU A 27 -2.02 -8.17 -31.85
N TYR A 28 -2.84 -7.48 -32.64
CA TYR A 28 -4.28 -7.56 -32.45
C TYR A 28 -4.76 -8.99 -32.67
N THR A 29 -5.78 -9.37 -31.91
CA THR A 29 -6.27 -10.74 -31.88
C THR A 29 -7.71 -10.72 -31.41
N ALA A 30 -8.51 -11.61 -31.98
CA ALA A 30 -9.81 -11.87 -31.41
C ALA A 30 -9.66 -12.57 -30.07
N ALA A 31 -10.73 -12.54 -29.28
CA ALA A 31 -10.83 -13.37 -28.09
C ALA A 31 -10.76 -14.85 -28.49
N ALA A 32 -10.22 -15.67 -27.56
CA ALA A 32 -10.09 -17.10 -27.82
C ALA A 32 -11.43 -17.72 -28.24
N SER A 33 -12.52 -17.27 -27.62
CA SER A 33 -13.84 -17.78 -27.95
C SER A 33 -14.36 -17.25 -29.28
N GLY A 34 -13.73 -16.21 -29.83
CA GLY A 34 -14.27 -15.53 -30.99
C GLY A 34 -15.41 -14.58 -30.71
N GLU A 35 -15.88 -14.49 -29.46
CA GLU A 35 -17.05 -13.69 -29.16
C GLU A 35 -16.71 -12.20 -29.11
N THR A 36 -17.75 -11.39 -29.32
CA THR A 36 -17.62 -9.94 -29.33
C THR A 36 -18.83 -9.35 -28.63
N PHE A 37 -18.72 -8.07 -28.28
CA PHE A 37 -19.87 -7.28 -27.86
C PHE A 37 -19.92 -6.02 -28.71
N ASP A 38 -21.13 -5.47 -28.82
CA ASP A 38 -21.35 -4.28 -29.63
C ASP A 38 -20.97 -3.03 -28.85
N CYS A 39 -20.00 -2.28 -29.38
CA CYS A 39 -19.64 -0.98 -28.84
C CYS A 39 -20.54 0.05 -29.52
N ILE A 40 -21.53 0.56 -28.78
CA ILE A 40 -22.57 1.42 -29.33
C ILE A 40 -22.30 2.85 -28.86
N SER A 41 -22.26 3.80 -29.82
CA SER A 41 -21.99 5.18 -29.45
C SER A 41 -23.19 5.78 -28.71
N PRO A 42 -22.97 6.44 -27.57
CA PRO A 42 -24.05 7.22 -26.96
C PRO A 42 -24.34 8.53 -27.66
N VAL A 43 -23.56 8.90 -28.68
CA VAL A 43 -23.85 10.13 -29.42
C VAL A 43 -25.12 9.98 -30.24
N ASP A 44 -25.19 8.90 -31.03
CA ASP A 44 -26.38 8.69 -31.85
C ASP A 44 -26.73 7.21 -32.01
N GLY A 45 -26.21 6.33 -31.15
CA GLY A 45 -26.57 4.93 -31.20
C GLY A 45 -25.93 4.12 -32.30
N ARG A 46 -25.04 4.71 -33.10
CA ARG A 46 -24.41 3.95 -34.16
C ARG A 46 -23.51 2.85 -33.59
N LEU A 47 -23.34 1.79 -34.37
CA LEU A 47 -22.44 0.71 -34.04
C LEU A 47 -21.02 1.14 -34.38
N LEU A 48 -20.19 1.35 -33.35
CA LEU A 48 -18.81 1.76 -33.61
C LEU A 48 -17.96 0.56 -34.04
N ALA A 49 -18.07 -0.55 -33.34
CA ALA A 49 -17.26 -1.71 -33.68
C ALA A 49 -17.82 -2.91 -32.94
N LYS A 50 -17.45 -4.09 -33.41
CA LYS A 50 -17.66 -5.32 -32.66
C LYS A 50 -16.35 -5.61 -31.92
N VAL A 51 -16.39 -5.49 -30.60
CA VAL A 51 -15.19 -5.51 -29.78
C VAL A 51 -15.02 -6.89 -29.16
N ALA A 52 -13.78 -7.39 -29.18
CA ALA A 52 -13.47 -8.69 -28.60
C ALA A 52 -13.92 -8.75 -27.13
N SER A 53 -14.59 -9.84 -26.78
CA SER A 53 -15.12 -10.05 -25.43
C SER A 53 -14.22 -11.06 -24.74
N CYS A 54 -13.15 -10.57 -24.11
CA CYS A 54 -12.15 -11.48 -23.55
C CYS A 54 -12.67 -12.14 -22.28
N ASP A 55 -12.08 -13.28 -21.95
CA ASP A 55 -12.44 -14.01 -20.73
C ASP A 55 -11.17 -14.57 -20.12
N ALA A 56 -11.31 -15.58 -19.25
CA ALA A 56 -10.19 -16.08 -18.47
C ALA A 56 -9.10 -16.68 -19.36
N ALA A 57 -9.49 -17.31 -20.47
CA ALA A 57 -8.49 -17.86 -21.38
C ALA A 57 -7.61 -16.75 -21.95
N ASP A 58 -8.19 -15.58 -22.21
CA ASP A 58 -7.41 -14.46 -22.73
C ASP A 58 -6.56 -13.81 -21.63
N ALA A 59 -7.11 -13.67 -20.42
CA ALA A 59 -6.29 -13.26 -19.28
C ALA A 59 -5.07 -14.16 -19.17
N GLN A 60 -5.27 -15.47 -19.29
CA GLN A 60 -4.15 -16.40 -19.16
C GLN A 60 -3.10 -16.15 -20.23
N ARG A 61 -3.54 -15.97 -21.48
CA ARG A 61 -2.55 -15.75 -22.53
C ARG A 61 -1.88 -14.39 -22.38
N ALA A 62 -2.63 -13.35 -22.01
CA ALA A 62 -2.04 -12.04 -21.78
C ALA A 62 -1.02 -12.06 -20.63
N VAL A 63 -1.31 -12.79 -19.57
CA VAL A 63 -0.40 -12.83 -18.41
C VAL A 63 0.84 -13.65 -18.74
N GLU A 64 0.68 -14.75 -19.47
CA GLU A 64 1.84 -15.51 -19.92
C GLU A 64 2.74 -14.65 -20.79
N SER A 65 2.15 -13.92 -21.73
CA SER A 65 2.89 -12.98 -22.55
C SER A 65 3.58 -11.92 -21.70
N ALA A 66 2.85 -11.35 -20.74
CA ALA A 66 3.43 -10.32 -19.88
C ALA A 66 4.59 -10.87 -19.05
N ARG A 67 4.41 -12.06 -18.48
CA ARG A 67 5.45 -12.65 -17.64
C ARG A 67 6.69 -12.95 -18.45
N SER A 68 6.49 -13.58 -19.60
CA SER A 68 7.61 -13.92 -20.46
C SER A 68 8.36 -12.67 -20.91
N ALA A 69 7.64 -11.59 -21.23
CA ALA A 69 8.29 -10.35 -21.61
C ALA A 69 9.06 -9.75 -20.44
N PHE A 70 8.47 -9.76 -19.24
CA PHE A 70 9.17 -9.25 -18.08
C PHE A 70 10.44 -10.05 -17.81
N ASP A 71 10.37 -11.38 -17.92
CA ASP A 71 11.55 -12.20 -17.65
C ASP A 71 12.64 -11.98 -18.69
N SER A 72 12.26 -11.63 -19.92
CA SER A 72 13.26 -11.43 -20.97
C SER A 72 14.15 -10.23 -20.69
N GLY A 73 13.72 -9.31 -19.84
CA GLY A 73 14.46 -8.10 -19.61
C GLY A 73 14.38 -7.06 -20.71
N ALA A 74 13.70 -7.36 -21.83
CA ALA A 74 13.66 -6.44 -22.96
C ALA A 74 13.20 -5.05 -22.54
N TRP A 75 12.26 -4.97 -21.62
CA TRP A 75 11.83 -3.72 -21.01
C TRP A 75 12.23 -3.59 -19.55
N SER A 76 12.10 -4.68 -18.77
CA SER A 76 12.33 -4.60 -17.34
C SER A 76 13.78 -4.34 -16.98
N ARG A 77 14.74 -4.69 -17.83
CA ARG A 77 16.14 -4.36 -17.57
C ARG A 77 16.71 -3.42 -18.63
N LEU A 78 15.85 -2.77 -19.40
CA LEU A 78 16.31 -1.71 -20.30
C LEU A 78 16.80 -0.51 -19.49
N ALA A 79 17.88 0.10 -19.96
CA ALA A 79 18.46 1.25 -19.27
C ALA A 79 17.40 2.30 -19.00
N PRO A 80 17.39 2.92 -17.81
CA PRO A 80 16.39 3.93 -17.48
C PRO A 80 16.29 5.08 -18.48
N ALA A 81 17.41 5.59 -18.99
CA ALA A 81 17.35 6.68 -19.95
C ALA A 81 16.69 6.26 -21.27
N LYS A 82 16.77 4.97 -21.62
CA LYS A 82 16.11 4.46 -22.81
C LYS A 82 14.63 4.21 -22.59
N ARG A 83 14.24 3.74 -21.39
CA ARG A 83 12.81 3.70 -21.08
C ARG A 83 12.22 5.10 -21.04
N LYS A 84 12.97 6.08 -20.51
CA LYS A 84 12.52 7.47 -20.58
C LYS A 84 12.22 7.87 -22.01
N ALA A 85 13.18 7.63 -22.92
CA ALA A 85 13.02 8.09 -24.29
C ALA A 85 11.80 7.42 -24.93
N THR A 86 11.67 6.10 -24.75
CA THR A 86 10.54 5.36 -25.28
C THR A 86 9.22 5.91 -24.76
N MET A 87 9.12 6.14 -23.45
CA MET A 87 7.88 6.67 -22.88
C MET A 87 7.55 8.06 -23.40
N ILE A 88 8.58 8.87 -23.68
CA ILE A 88 8.33 10.19 -24.26
C ILE A 88 7.88 10.07 -25.71
N ARG A 89 8.48 9.14 -26.48
CA ARG A 89 7.98 8.89 -27.83
C ARG A 89 6.54 8.40 -27.80
N PHE A 90 6.21 7.54 -26.82
CA PHE A 90 4.84 7.06 -26.65
C PHE A 90 3.88 8.24 -26.48
N ALA A 91 4.18 9.14 -25.53
CA ALA A 91 3.37 10.34 -25.35
C ALA A 91 3.27 11.14 -26.64
N GLY A 92 4.39 11.27 -27.37
CA GLY A 92 4.36 12.00 -28.63
C GLY A 92 3.44 11.38 -29.66
N LEU A 93 3.35 10.05 -29.68
CA LEU A 93 2.45 9.40 -30.61
C LEU A 93 0.98 9.64 -30.25
N LEU A 94 0.66 9.75 -28.95
CA LEU A 94 -0.69 10.15 -28.55
C LEU A 94 -1.02 11.55 -29.07
N GLU A 95 -0.09 12.49 -28.94
CA GLU A 95 -0.32 13.84 -29.47
C GLU A 95 -0.40 13.83 -30.99
N GLN A 96 0.44 13.04 -31.65
CA GLN A 96 0.42 12.98 -33.11
C GLN A 96 -0.90 12.43 -33.64
N ASN A 97 -1.57 11.60 -32.84
CA ASN A 97 -2.84 10.99 -33.20
C ASN A 97 -3.99 11.55 -32.36
N ALA A 98 -3.87 12.81 -31.91
CA ALA A 98 -4.76 13.37 -30.90
C ALA A 98 -6.20 13.47 -31.41
N GLU A 99 -6.39 13.90 -32.67
CA GLU A 99 -7.73 14.10 -33.18
C GLU A 99 -8.47 12.77 -33.31
N GLU A 100 -7.80 11.73 -33.83
CA GLU A 100 -8.40 10.40 -33.84
C GLU A 100 -8.69 9.91 -32.43
N LEU A 101 -7.74 10.05 -31.51
CA LEU A 101 -7.99 9.54 -30.15
C LEU A 101 -9.13 10.30 -29.48
N ALA A 102 -9.18 11.62 -29.64
CA ALA A 102 -10.24 12.39 -29.01
C ALA A 102 -11.59 12.01 -29.58
N LEU A 103 -11.64 11.76 -30.89
CA LEU A 103 -12.90 11.40 -31.53
C LEU A 103 -13.36 10.00 -31.10
N LEU A 104 -12.42 9.05 -30.98
CA LEU A 104 -12.77 7.73 -30.49
C LEU A 104 -13.38 7.84 -29.09
N GLU A 105 -12.76 8.65 -28.23
CA GLU A 105 -13.24 8.81 -26.85
C GLU A 105 -14.65 9.40 -26.81
N THR A 106 -14.86 10.48 -27.56
CA THR A 106 -16.16 11.13 -27.64
C THR A 106 -17.23 10.18 -28.20
N LEU A 107 -16.91 9.45 -29.27
CA LEU A 107 -17.88 8.51 -29.82
C LEU A 107 -18.14 7.35 -28.87
N ASP A 108 -17.12 6.93 -28.12
CA ASP A 108 -17.21 5.73 -27.29
C ASP A 108 -18.07 5.96 -26.05
N MET A 109 -18.02 7.14 -25.46
CA MET A 109 -18.75 7.33 -24.20
C MET A 109 -19.31 8.73 -24.04
N GLY A 110 -19.33 9.55 -25.08
CA GLY A 110 -20.14 10.76 -25.08
C GLY A 110 -19.47 12.01 -24.54
N LYS A 111 -18.19 11.94 -24.20
CA LYS A 111 -17.51 13.12 -23.70
C LYS A 111 -17.51 14.21 -24.78
N PRO A 112 -17.77 15.47 -24.41
CA PRO A 112 -17.69 16.56 -25.38
C PRO A 112 -16.35 16.58 -26.11
N ILE A 113 -16.41 16.79 -27.44
CA ILE A 113 -15.21 16.70 -28.27
C ILE A 113 -14.18 17.72 -27.83
N SER A 114 -14.63 18.87 -27.33
CA SER A 114 -13.68 19.86 -26.83
C SER A 114 -12.94 19.36 -25.59
N ASP A 115 -13.63 18.61 -24.71
CA ASP A 115 -12.95 18.07 -23.54
C ASP A 115 -12.00 16.93 -23.94
N SER A 116 -12.46 16.02 -24.81
CA SER A 116 -11.59 14.95 -25.30
C SER A 116 -10.30 15.52 -25.87
N LEU A 117 -10.42 16.53 -26.73
CA LEU A 117 -9.27 17.03 -27.46
C LEU A 117 -8.47 18.02 -26.63
N GLY A 118 -9.14 18.76 -25.75
CA GLY A 118 -8.49 19.82 -25.00
C GLY A 118 -7.98 19.39 -23.65
N VAL A 119 -8.56 18.35 -23.06
CA VAL A 119 -8.17 17.93 -21.71
C VAL A 119 -7.67 16.49 -21.68
N ASP A 120 -8.50 15.53 -22.09
CA ASP A 120 -8.21 14.13 -21.80
C ASP A 120 -7.01 13.60 -22.57
N ILE A 121 -6.95 13.85 -23.87
CA ILE A 121 -5.86 13.30 -24.68
C ILE A 121 -4.54 14.00 -24.32
N PRO A 122 -4.50 15.33 -24.23
CA PRO A 122 -3.25 15.96 -23.74
C PRO A 122 -2.91 15.56 -22.33
N GLY A 123 -3.90 15.37 -21.46
CA GLY A 123 -3.62 14.94 -20.10
C GLY A 123 -3.08 13.53 -20.05
N GLY A 124 -3.59 12.67 -20.92
CA GLY A 124 -3.05 11.32 -21.02
C GLY A 124 -1.62 11.31 -21.52
N ALA A 125 -1.36 12.05 -22.62
CA ALA A 125 0.01 12.19 -23.08
C ALA A 125 0.93 12.73 -22.00
N ARG A 126 0.46 13.72 -21.23
CA ARG A 126 1.29 14.34 -20.21
C ARG A 126 1.66 13.36 -19.11
N ALA A 127 0.75 12.45 -18.76
CA ALA A 127 1.06 11.46 -17.74
C ALA A 127 2.11 10.48 -18.24
N LEU A 128 2.04 10.08 -19.51
CA LEU A 128 3.06 9.20 -20.05
C LEU A 128 4.41 9.89 -20.10
N SER A 129 4.47 11.15 -20.54
CA SER A 129 5.77 11.78 -20.73
C SER A 129 6.37 12.22 -19.41
N TRP A 130 5.55 12.74 -18.49
CA TRP A 130 6.03 13.10 -17.14
C TRP A 130 6.63 11.89 -16.44
N SER A 131 5.93 10.75 -16.50
CA SER A 131 6.44 9.53 -15.89
C SER A 131 7.77 9.12 -16.50
N GLY A 132 7.88 9.21 -17.84
CA GLY A 132 9.16 8.90 -18.48
C GLY A 132 10.25 9.87 -18.06
N GLU A 133 9.93 11.17 -18.00
CA GLU A 133 10.91 12.17 -17.57
C GLU A 133 11.46 11.88 -16.18
N ALA A 134 10.63 11.29 -15.31
CA ALA A 134 10.99 11.10 -13.91
C ALA A 134 11.90 9.90 -13.68
N ILE A 135 11.89 8.93 -14.60
CA ILE A 135 12.52 7.62 -14.39
C ILE A 135 13.94 7.75 -13.89
N ASP A 136 14.77 8.50 -14.61
CA ASP A 136 16.16 8.62 -14.26
C ASP A 136 16.43 9.80 -13.33
N LYS A 137 15.40 10.42 -12.78
CA LYS A 137 15.56 11.38 -11.70
C LYS A 137 15.28 10.77 -10.34
N LEU A 138 14.88 9.51 -10.30
CA LEU A 138 14.60 8.83 -9.03
C LEU A 138 15.87 8.25 -8.46
N TYR A 139 15.99 8.27 -7.13
CA TYR A 139 17.13 7.71 -6.43
C TYR A 139 16.62 6.74 -5.37
N ASP A 140 17.27 5.59 -5.28
CA ASP A 140 17.10 4.69 -4.15
C ASP A 140 18.08 5.13 -3.06
N GLU A 141 18.30 4.28 -2.05
CA GLU A 141 18.88 4.73 -0.80
C GLU A 141 20.05 3.89 -0.34
N VAL A 142 21.02 4.56 0.26
CA VAL A 142 22.16 3.93 0.94
C VAL A 142 22.00 4.19 2.44
N ALA A 143 21.85 3.13 3.22
CA ALA A 143 21.61 3.26 4.65
C ALA A 143 22.88 3.71 5.39
N ALA A 144 22.68 4.34 6.55
CA ALA A 144 23.79 4.67 7.45
C ALA A 144 24.18 3.40 8.19
N THR A 145 25.34 2.86 7.90
CA THR A 145 25.77 1.57 8.42
C THR A 145 27.17 1.68 8.99
N PRO A 146 27.59 0.70 9.81
CA PRO A 146 29.00 0.62 10.18
C PRO A 146 29.89 0.56 8.95
N HIS A 147 31.18 0.81 9.17
CA HIS A 147 32.12 0.99 8.07
C HIS A 147 32.38 -0.32 7.31
N ASP A 148 32.17 -1.48 7.92
CA ASP A 148 32.33 -2.74 7.20
C ASP A 148 31.02 -3.25 6.59
N GLN A 149 30.06 -2.36 6.32
CA GLN A 149 28.76 -2.75 5.78
C GLN A 149 28.37 -1.79 4.67
N LEU A 150 27.74 -2.31 3.63
CA LEU A 150 27.08 -1.49 2.63
C LEU A 150 25.62 -1.92 2.62
N GLY A 151 24.73 -0.98 2.93
CA GLY A 151 23.32 -1.29 2.99
C GLY A 151 22.57 -0.54 1.93
N LEU A 152 22.01 -1.26 0.96
CA LEU A 152 21.24 -0.67 -0.13
C LEU A 152 19.76 -0.95 0.10
N VAL A 153 18.93 0.08 -0.11
CA VAL A 153 17.49 -0.06 -0.12
C VAL A 153 17.03 0.43 -1.49
N THR A 154 16.61 -0.51 -2.34
CA THR A 154 16.33 -0.25 -3.74
C THR A 154 14.89 -0.66 -4.07
N ARG A 155 14.41 -0.11 -5.18
CA ARG A 155 13.08 -0.43 -5.68
C ARG A 155 13.24 -1.18 -7.00
N GLU A 156 12.42 -2.21 -7.18
CA GLU A 156 12.36 -3.03 -8.38
C GLU A 156 10.92 -3.17 -8.84
N PRO A 157 10.68 -3.35 -10.14
CA PRO A 157 9.31 -3.58 -10.61
C PRO A 157 8.71 -4.83 -10.00
N VAL A 158 7.40 -4.79 -9.77
CA VAL A 158 6.74 -5.96 -9.19
C VAL A 158 6.67 -7.10 -10.21
N GLY A 159 6.68 -6.80 -11.50
CA GLY A 159 6.55 -7.84 -12.52
C GLY A 159 5.37 -7.65 -13.45
N VAL A 160 4.25 -8.30 -13.15
CA VAL A 160 3.05 -8.24 -13.98
C VAL A 160 1.96 -7.46 -13.26
N VAL A 161 1.52 -6.36 -13.87
CA VAL A 161 0.53 -5.45 -13.31
C VAL A 161 -0.74 -5.56 -14.13
N ALA A 162 -1.88 -5.75 -13.46
CA ALA A 162 -3.17 -5.62 -14.11
C ALA A 162 -3.77 -4.27 -13.75
N ALA A 163 -4.18 -3.51 -14.76
CA ALA A 163 -4.75 -2.19 -14.57
C ALA A 163 -6.18 -2.22 -15.06
N ILE A 164 -7.13 -1.98 -14.17
CA ILE A 164 -8.55 -2.03 -14.48
C ILE A 164 -9.09 -0.62 -14.29
N VAL A 165 -9.67 -0.05 -15.35
CA VAL A 165 -10.03 1.37 -15.32
C VAL A 165 -11.48 1.59 -15.70
N PRO A 166 -12.10 2.67 -15.22
CA PRO A 166 -13.52 2.91 -15.54
C PRO A 166 -13.68 3.68 -16.84
N TRP A 167 -14.91 4.13 -17.12
CA TRP A 167 -15.22 4.72 -18.43
C TRP A 167 -15.31 6.24 -18.41
N ASN A 168 -15.08 6.88 -17.26
CA ASN A 168 -15.31 8.31 -17.14
C ASN A 168 -14.20 9.14 -17.80
N PHE A 169 -12.95 8.67 -17.70
CA PHE A 169 -11.82 9.30 -18.37
C PHE A 169 -11.00 8.17 -18.95
N PRO A 170 -11.53 7.48 -19.97
CA PRO A 170 -10.94 6.19 -20.37
C PRO A 170 -9.46 6.28 -20.73
N LEU A 171 -9.06 7.23 -21.57
CA LEU A 171 -7.65 7.29 -21.93
C LEU A 171 -6.80 7.90 -20.82
N MET A 172 -7.28 8.97 -20.19
CA MET A 172 -6.47 9.65 -19.17
C MET A 172 -6.27 8.76 -17.95
N MET A 173 -7.32 8.06 -17.50
CA MET A 173 -7.15 7.15 -16.37
C MET A 173 -6.21 6.02 -16.72
N ALA A 174 -6.30 5.50 -17.95
CA ALA A 174 -5.39 4.45 -18.37
C ALA A 174 -3.95 4.96 -18.34
N CYS A 175 -3.72 6.19 -18.83
CA CYS A 175 -2.37 6.72 -18.85
C CYS A 175 -1.84 7.03 -17.44
N TRP A 176 -2.72 7.35 -16.49
CA TRP A 176 -2.27 7.53 -15.11
C TRP A 176 -1.72 6.24 -14.53
N LYS A 177 -2.27 5.09 -14.94
CA LYS A 177 -1.68 3.83 -14.50
C LYS A 177 -0.49 3.46 -15.36
N LEU A 178 -0.64 3.61 -16.69
CA LEU A 178 0.38 3.14 -17.61
C LEU A 178 1.70 3.87 -17.44
N GLY A 179 1.64 5.19 -17.24
CA GLY A 179 2.85 5.99 -17.17
C GLY A 179 3.83 5.47 -16.14
N PRO A 180 3.43 5.47 -14.88
CA PRO A 180 4.34 4.95 -13.85
C PRO A 180 4.52 3.44 -13.90
N ALA A 181 3.49 2.67 -14.26
CA ALA A 181 3.66 1.22 -14.25
C ALA A 181 4.66 0.78 -15.30
N LEU A 182 4.59 1.35 -16.51
CA LEU A 182 5.54 1.03 -17.57
C LEU A 182 6.91 1.65 -17.31
N SER A 183 6.94 2.90 -16.82
CA SER A 183 8.22 3.57 -16.61
C SER A 183 9.11 2.80 -15.65
N THR A 184 8.51 2.15 -14.63
CA THR A 184 9.28 1.39 -13.66
C THR A 184 9.70 0.03 -14.20
N GLY A 185 9.23 -0.35 -15.38
CA GLY A 185 9.67 -1.57 -16.04
C GLY A 185 8.75 -2.76 -15.97
N ASN A 186 7.54 -2.61 -15.42
CA ASN A 186 6.60 -3.72 -15.38
C ASN A 186 6.03 -3.99 -16.77
N SER A 187 5.55 -5.22 -16.96
CA SER A 187 4.57 -5.53 -18.00
C SER A 187 3.18 -5.24 -17.48
N VAL A 188 2.31 -4.69 -18.34
CA VAL A 188 0.97 -4.28 -17.96
C VAL A 188 -0.06 -5.01 -18.82
N VAL A 189 -1.07 -5.57 -18.16
CA VAL A 189 -2.29 -6.05 -18.82
C VAL A 189 -3.38 -5.05 -18.47
N LEU A 190 -3.81 -4.28 -19.47
CA LEU A 190 -4.80 -3.24 -19.31
C LEU A 190 -6.18 -3.77 -19.69
N LYS A 191 -7.15 -3.57 -18.81
CA LYS A 191 -8.53 -3.96 -19.06
C LYS A 191 -9.39 -2.71 -18.99
N PRO A 192 -9.73 -2.13 -20.14
CA PRO A 192 -10.61 -0.95 -20.15
C PRO A 192 -12.04 -1.34 -19.85
N SER A 193 -12.84 -0.33 -19.49
CA SER A 193 -14.25 -0.58 -19.23
C SER A 193 -14.96 -1.08 -20.49
N GLU A 194 -15.94 -1.95 -20.29
CA GLU A 194 -16.82 -2.40 -21.37
C GLU A 194 -17.56 -1.22 -22.01
N LYS A 195 -17.76 -0.13 -21.28
CA LYS A 195 -18.39 1.07 -21.80
C LYS A 195 -17.45 1.97 -22.57
N SER A 196 -16.14 1.71 -22.56
CA SER A 196 -15.22 2.61 -23.26
C SER A 196 -13.91 1.93 -23.61
N PRO A 197 -13.93 0.90 -24.47
CA PRO A 197 -12.71 0.16 -24.77
C PRO A 197 -11.85 0.72 -25.89
N LEU A 198 -12.34 1.70 -26.65
CA LEU A 198 -11.76 1.96 -27.96
C LEU A 198 -10.37 2.61 -27.86
N THR A 199 -10.20 3.64 -27.02
CA THR A 199 -8.91 4.31 -26.99
C THR A 199 -7.81 3.41 -26.46
N ALA A 200 -8.11 2.57 -25.46
CA ALA A 200 -7.13 1.61 -24.96
C ALA A 200 -6.70 0.64 -26.05
N ILE A 201 -7.68 0.15 -26.83
CA ILE A 201 -7.36 -0.73 -27.95
C ILE A 201 -6.47 0.00 -28.95
N ARG A 202 -6.74 1.27 -29.19
CA ARG A 202 -6.00 1.99 -30.22
C ARG A 202 -4.57 2.30 -29.78
N ILE A 203 -4.36 2.67 -28.50
CA ILE A 203 -2.99 3.04 -28.12
C ILE A 203 -2.08 1.84 -27.96
N ALA A 204 -2.65 0.62 -27.87
CA ALA A 204 -1.82 -0.58 -27.80
C ALA A 204 -0.82 -0.62 -28.95
N GLN A 205 -1.26 -0.21 -30.14
CA GLN A 205 -0.40 -0.23 -31.31
C GLN A 205 0.59 0.93 -31.28
N LEU A 206 0.18 2.07 -30.73
CA LEU A 206 1.11 3.19 -30.62
C LEU A 206 2.25 2.86 -29.66
N ALA A 207 2.00 2.05 -28.64
CA ALA A 207 3.08 1.65 -27.74
C ALA A 207 4.18 0.90 -28.48
N ILE A 208 3.79 -0.10 -29.29
CA ILE A 208 4.74 -0.82 -30.15
C ILE A 208 5.50 0.14 -31.04
N GLU A 209 4.78 1.03 -31.72
CA GLU A 209 5.39 2.04 -32.57
C GLU A 209 6.43 2.85 -31.80
N ALA A 210 6.16 3.13 -30.52
CA ALA A 210 7.08 3.93 -29.72
C ALA A 210 8.34 3.15 -29.36
N GLY A 211 8.29 1.83 -29.40
CA GLY A 211 9.40 1.00 -28.95
C GLY A 211 9.13 0.15 -27.73
N ILE A 212 7.89 0.13 -27.22
CA ILE A 212 7.53 -0.77 -26.13
C ILE A 212 7.57 -2.18 -26.71
N PRO A 213 8.36 -3.09 -26.13
CA PRO A 213 8.47 -4.43 -26.68
C PRO A 213 7.13 -5.16 -26.66
N ALA A 214 7.01 -6.12 -27.56
CA ALA A 214 5.86 -7.01 -27.60
C ALA A 214 5.72 -7.73 -26.26
N GLY A 215 4.48 -7.84 -25.78
CA GLY A 215 4.20 -8.47 -24.52
C GLY A 215 4.21 -7.55 -23.31
N VAL A 216 4.79 -6.35 -23.43
CA VAL A 216 4.91 -5.48 -22.26
C VAL A 216 3.60 -4.74 -21.99
N LEU A 217 2.82 -4.41 -23.02
CA LEU A 217 1.49 -3.84 -22.83
C LEU A 217 0.49 -4.64 -23.66
N ASN A 218 -0.32 -5.43 -22.97
CA ASN A 218 -1.42 -6.18 -23.55
C ASN A 218 -2.72 -5.52 -23.14
N VAL A 219 -3.72 -5.52 -24.02
CA VAL A 219 -4.99 -4.86 -23.76
C VAL A 219 -6.10 -5.89 -23.97
N LEU A 220 -6.94 -6.09 -22.95
CA LEU A 220 -8.02 -7.07 -22.96
C LEU A 220 -9.35 -6.36 -22.78
N PRO A 221 -10.04 -6.01 -23.86
CA PRO A 221 -11.40 -5.49 -23.71
C PRO A 221 -12.34 -6.60 -23.28
N GLY A 222 -13.44 -6.19 -22.65
CA GLY A 222 -14.42 -7.14 -22.20
C GLY A 222 -15.02 -6.71 -20.87
N TYR A 223 -15.78 -7.63 -20.28
CA TYR A 223 -16.63 -7.31 -19.13
C TYR A 223 -15.84 -7.48 -17.82
N GLY A 224 -16.25 -6.71 -16.80
CA GLY A 224 -15.61 -6.83 -15.51
C GLY A 224 -15.77 -8.22 -14.91
N HIS A 225 -16.98 -8.77 -14.98
CA HIS A 225 -17.25 -10.05 -14.35
C HIS A 225 -16.62 -11.22 -15.09
N THR A 226 -16.17 -11.02 -16.34
CA THR A 226 -15.43 -12.08 -17.01
C THR A 226 -13.93 -11.84 -16.90
N VAL A 227 -13.38 -10.99 -17.78
CA VAL A 227 -11.91 -10.92 -17.86
C VAL A 227 -11.34 -10.10 -16.69
N GLY A 228 -12.07 -9.11 -16.19
CA GLY A 228 -11.59 -8.37 -15.03
C GLY A 228 -11.40 -9.28 -13.83
N LYS A 229 -12.42 -10.07 -13.51
CA LYS A 229 -12.32 -11.02 -12.40
C LYS A 229 -11.21 -12.03 -12.65
N ALA A 230 -11.05 -12.49 -13.89
CA ALA A 230 -9.99 -13.45 -14.19
C ALA A 230 -8.60 -12.86 -13.91
N LEU A 231 -8.42 -11.56 -14.15
CA LEU A 231 -7.12 -10.95 -13.85
C LEU A 231 -6.94 -10.80 -12.36
N ALA A 232 -7.99 -10.38 -11.65
CA ALA A 232 -7.92 -10.20 -10.20
C ALA A 232 -7.65 -11.51 -9.48
N LEU A 233 -8.10 -12.62 -10.05
CA LEU A 233 -7.90 -13.96 -9.51
C LEU A 233 -6.67 -14.64 -10.05
N HIS A 234 -5.95 -14.04 -11.00
CA HIS A 234 -4.88 -14.77 -11.65
C HIS A 234 -3.71 -14.97 -10.68
N MET A 235 -3.15 -16.18 -10.71
CA MET A 235 -2.11 -16.56 -9.76
C MET A 235 -0.72 -16.07 -10.16
N ASP A 236 -0.57 -15.46 -11.34
CA ASP A 236 0.72 -14.91 -11.74
C ASP A 236 0.66 -13.40 -11.97
N VAL A 237 -0.40 -12.73 -11.54
CA VAL A 237 -0.44 -11.28 -11.52
C VAL A 237 0.06 -10.79 -10.16
N ASP A 238 1.10 -9.95 -10.16
CA ASP A 238 1.71 -9.48 -8.93
C ASP A 238 0.92 -8.35 -8.28
N THR A 239 0.28 -7.51 -9.07
CA THR A 239 -0.34 -6.30 -8.55
C THR A 239 -1.53 -5.96 -9.43
N VAL A 240 -2.67 -5.64 -8.81
CA VAL A 240 -3.79 -5.07 -9.53
C VAL A 240 -3.98 -3.63 -9.04
N VAL A 241 -4.13 -2.70 -9.98
CA VAL A 241 -4.47 -1.31 -9.67
C VAL A 241 -5.82 -1.04 -10.29
N PHE A 242 -6.69 -0.36 -9.55
CA PHE A 242 -8.09 -0.27 -9.88
C PHE A 242 -8.61 1.11 -9.52
N THR A 243 -9.43 1.67 -10.41
CA THR A 243 -10.19 2.87 -10.11
C THR A 243 -11.65 2.56 -10.43
N GLY A 244 -12.56 2.96 -9.54
CA GLY A 244 -13.95 2.64 -9.81
C GLY A 244 -14.76 2.66 -8.52
N SER A 245 -15.72 1.75 -8.45
CA SER A 245 -16.70 1.79 -7.37
C SER A 245 -16.17 1.10 -6.12
N THR A 246 -16.66 1.57 -4.98
CA THR A 246 -16.30 0.97 -3.69
C THR A 246 -16.66 -0.51 -3.66
N LYS A 247 -17.80 -0.89 -4.25
CA LYS A 247 -18.24 -2.28 -4.19
C LYS A 247 -17.27 -3.20 -4.93
N ILE A 248 -16.81 -2.79 -6.11
CA ILE A 248 -15.88 -3.63 -6.85
C ILE A 248 -14.49 -3.60 -6.22
N ALA A 249 -14.08 -2.43 -5.71
CA ALA A 249 -12.81 -2.33 -4.99
C ALA A 249 -12.73 -3.36 -3.87
N LYS A 250 -13.79 -3.48 -3.07
CA LYS A 250 -13.81 -4.49 -2.01
C LYS A 250 -13.73 -5.91 -2.58
N GLN A 251 -14.43 -6.15 -3.71
CA GLN A 251 -14.38 -7.47 -4.32
C GLN A 251 -12.96 -7.87 -4.70
N LEU A 252 -12.15 -6.90 -5.14
CA LEU A 252 -10.79 -7.20 -5.58
C LEU A 252 -9.92 -7.66 -4.41
N MET A 253 -10.10 -7.06 -3.24
CA MET A 253 -9.40 -7.55 -2.05
C MET A 253 -9.77 -9.00 -1.78
N ILE A 254 -11.05 -9.33 -1.93
CA ILE A 254 -11.48 -10.70 -1.74
C ILE A 254 -10.83 -11.63 -2.75
N TYR A 255 -10.87 -11.24 -4.04
CA TYR A 255 -10.21 -12.04 -5.08
C TYR A 255 -8.73 -12.22 -4.81
N ALA A 256 -8.07 -11.14 -4.38
CA ALA A 256 -6.65 -11.23 -4.04
C ALA A 256 -6.41 -12.27 -2.94
N GLY A 257 -7.20 -12.21 -1.87
CA GLY A 257 -7.05 -13.16 -0.78
C GLY A 257 -7.36 -14.58 -1.19
N GLU A 258 -8.32 -14.76 -2.10
CA GLU A 258 -8.67 -16.09 -2.58
C GLU A 258 -7.65 -16.67 -3.53
N SER A 259 -6.69 -15.87 -4.02
CA SER A 259 -5.80 -16.34 -5.08
C SER A 259 -4.39 -16.33 -4.55
N ASN A 260 -3.60 -15.27 -4.79
CA ASN A 260 -2.15 -15.33 -4.58
C ASN A 260 -1.65 -14.18 -3.71
N MET A 261 -2.54 -13.52 -2.97
CA MET A 261 -2.14 -12.43 -2.08
C MET A 261 -1.50 -11.28 -2.88
N LYS A 262 -1.90 -11.10 -4.14
CA LYS A 262 -1.36 -10.00 -4.93
C LYS A 262 -1.60 -8.66 -4.25
N ARG A 263 -0.69 -7.71 -4.48
CA ARG A 263 -0.93 -6.34 -4.02
C ARG A 263 -2.14 -5.76 -4.73
N VAL A 264 -2.97 -5.04 -3.99
CA VAL A 264 -4.16 -4.39 -4.53
C VAL A 264 -4.12 -2.91 -4.17
N TRP A 265 -4.23 -2.05 -5.18
CA TRP A 265 -4.29 -0.60 -4.98
C TRP A 265 -5.57 -0.06 -5.57
N LEU A 266 -6.32 0.68 -4.78
CA LEU A 266 -7.71 0.99 -5.09
C LEU A 266 -7.92 2.49 -5.04
N GLU A 267 -8.77 2.97 -5.95
CA GLU A 267 -9.20 4.37 -5.97
C GLU A 267 -10.70 4.34 -6.18
N ALA A 268 -11.47 4.65 -5.13
CA ALA A 268 -12.93 4.50 -5.15
C ALA A 268 -13.61 5.82 -4.78
N GLY A 269 -14.32 6.41 -5.75
CA GLY A 269 -14.95 7.73 -5.66
C GLY A 269 -15.29 8.37 -4.33
N GLY A 270 -16.48 8.05 -3.81
CA GLY A 270 -16.97 8.71 -2.60
C GLY A 270 -17.42 10.15 -2.79
N LYS A 271 -18.19 10.66 -1.84
CA LYS A 271 -18.80 11.98 -1.97
C LYS A 271 -17.81 13.03 -1.47
N SER A 272 -17.48 14.01 -2.32
CA SER A 272 -16.43 14.96 -2.01
C SER A 272 -17.03 16.30 -1.62
N PRO A 273 -16.74 16.81 -0.42
CA PRO A 273 -17.40 18.03 0.04
C PRO A 273 -16.75 19.30 -0.51
N ASN A 274 -17.57 20.34 -0.52
CA ASN A 274 -17.23 21.66 -1.04
C ASN A 274 -17.63 22.64 0.06
N ILE A 275 -16.65 23.20 0.77
CA ILE A 275 -16.91 24.00 1.96
C ILE A 275 -16.70 25.46 1.60
N VAL A 276 -17.76 26.26 1.62
CA VAL A 276 -17.69 27.67 1.23
C VAL A 276 -17.87 28.52 2.48
N PHE A 277 -16.84 29.27 2.84
CA PHE A 277 -16.92 30.18 3.97
C PHE A 277 -17.35 31.57 3.52
N ALA A 278 -17.89 32.34 4.46
CA ALA A 278 -18.34 33.69 4.16
C ALA A 278 -17.19 34.57 3.67
N ASP A 279 -15.96 34.32 4.13
CA ASP A 279 -14.81 35.12 3.73
C ASP A 279 -14.07 34.55 2.52
N ALA A 280 -14.72 33.74 1.69
CA ALA A 280 -14.06 33.26 0.48
C ALA A 280 -13.63 34.46 -0.36
N PRO A 281 -12.41 34.45 -0.92
CA PRO A 281 -11.93 35.65 -1.63
C PRO A 281 -12.67 35.93 -2.93
N ASP A 282 -13.20 34.91 -3.61
CA ASP A 282 -13.91 35.07 -4.89
C ASP A 282 -15.16 34.19 -4.85
N LEU A 283 -16.27 34.77 -4.39
CA LEU A 283 -17.51 34.01 -4.23
C LEU A 283 -18.04 33.50 -5.57
N GLN A 284 -17.77 34.22 -6.66
CA GLN A 284 -18.18 33.74 -7.98
C GLN A 284 -17.45 32.47 -8.37
N ALA A 285 -16.15 32.38 -8.04
CA ALA A 285 -15.40 31.17 -8.32
C ALA A 285 -15.94 29.99 -7.52
N ALA A 286 -16.24 30.22 -6.23
CA ALA A 286 -16.83 29.14 -5.44
C ALA A 286 -18.17 28.71 -6.03
N ALA A 287 -18.97 29.67 -6.49
CA ALA A 287 -20.28 29.33 -7.05
C ALA A 287 -20.14 28.57 -8.36
N ASP A 288 -19.22 28.98 -9.24
CA ASP A 288 -18.94 28.20 -10.45
C ASP A 288 -18.52 26.77 -10.08
N SER A 289 -17.65 26.64 -9.08
CA SER A 289 -17.24 25.32 -8.60
C SER A 289 -18.43 24.47 -8.21
N ALA A 290 -19.28 25.00 -7.33
CA ALA A 290 -20.43 24.23 -6.87
C ALA A 290 -21.34 23.83 -8.02
N ALA A 291 -21.55 24.75 -8.98
CA ALA A 291 -22.42 24.41 -10.11
C ALA A 291 -21.80 23.31 -10.97
N SER A 292 -20.49 23.40 -11.21
CA SER A 292 -19.77 22.39 -11.97
C SER A 292 -19.95 21.00 -11.37
N ALA A 293 -19.94 20.90 -10.04
CA ALA A 293 -20.01 19.60 -9.38
C ALA A 293 -21.40 18.96 -9.49
N ILE A 294 -22.46 19.77 -9.46
CA ILE A 294 -23.79 19.22 -9.68
C ILE A 294 -23.91 18.63 -11.08
N ALA A 295 -23.55 19.42 -12.08
CA ALA A 295 -23.43 18.93 -13.45
C ALA A 295 -22.24 17.96 -13.51
N PHE A 296 -21.83 17.59 -14.72
CA PHE A 296 -20.61 16.81 -14.89
C PHE A 296 -19.41 17.60 -14.35
N SER A 306 -20.59 14.89 -5.09
CA SER A 306 -20.22 16.12 -4.40
C SER A 306 -21.26 16.51 -3.36
N ARG A 307 -20.83 17.27 -2.36
CA ARG A 307 -21.67 17.66 -1.24
C ARG A 307 -21.35 19.09 -0.83
N LEU A 308 -22.32 19.98 -1.00
CA LEU A 308 -22.08 21.41 -0.82
C LEU A 308 -22.36 21.86 0.61
N LEU A 309 -21.38 22.51 1.23
CA LEU A 309 -21.47 23.03 2.59
C LEU A 309 -21.21 24.52 2.54
N VAL A 310 -22.15 25.30 3.10
CA VAL A 310 -22.15 26.77 2.96
C VAL A 310 -22.33 27.39 4.34
N GLU A 311 -21.52 28.39 4.64
CA GLU A 311 -21.67 29.13 5.89
C GLU A 311 -22.96 29.94 5.89
N ARG A 312 -23.64 29.96 7.03
CA ARG A 312 -24.97 30.56 7.11
C ARG A 312 -24.97 32.03 6.72
N SER A 313 -24.00 32.80 7.21
CA SER A 313 -23.99 34.24 6.95
C SER A 313 -23.85 34.60 5.48
N ILE A 314 -23.63 33.64 4.58
CA ILE A 314 -23.46 33.92 3.16
C ILE A 314 -24.44 33.13 2.30
N LYS A 315 -25.24 32.26 2.91
CA LYS A 315 -26.08 31.33 2.17
C LYS A 315 -27.08 32.05 1.25
N ASP A 316 -27.76 33.08 1.77
CA ASP A 316 -28.77 33.76 0.97
C ASP A 316 -28.15 34.42 -0.26
N ARG A 317 -26.97 35.00 -0.09
CA ARG A 317 -26.27 35.62 -1.19
C ARG A 317 -25.69 34.59 -2.15
N PHE A 318 -25.30 33.41 -1.64
CA PHE A 318 -24.47 32.51 -2.42
C PHE A 318 -25.27 31.55 -3.30
N LEU A 319 -26.32 30.95 -2.75
CA LEU A 319 -27.10 29.96 -3.51
C LEU A 319 -27.63 30.47 -4.84
N PRO A 320 -28.16 31.69 -4.98
CA PRO A 320 -28.58 32.15 -6.31
C PRO A 320 -27.44 32.21 -7.31
N MET A 321 -26.20 32.49 -6.86
CA MET A 321 -25.07 32.45 -7.78
C MET A 321 -24.82 31.03 -8.29
N VAL A 322 -24.97 30.04 -7.40
CA VAL A 322 -24.86 28.64 -7.81
C VAL A 322 -25.91 28.33 -8.88
N ILE A 323 -27.14 28.77 -8.64
CA ILE A 323 -28.25 28.47 -9.55
C ILE A 323 -27.98 29.05 -10.93
N GLU A 324 -27.68 30.35 -11.00
CA GLU A 324 -27.37 30.99 -12.27
C GLU A 324 -26.18 30.32 -12.96
N ALA A 325 -25.12 30.04 -12.20
CA ALA A 325 -23.96 29.37 -12.78
C ALA A 325 -24.34 28.00 -13.33
N LEU A 326 -25.27 27.31 -12.69
CA LEU A 326 -25.68 26.01 -13.21
C LEU A 326 -26.34 26.14 -14.58
N GLY A 327 -27.00 27.27 -14.84
CA GLY A 327 -27.61 27.48 -16.14
C GLY A 327 -26.63 27.37 -17.28
N THR A 328 -25.35 27.69 -17.03
CA THR A 328 -24.35 27.63 -18.08
C THR A 328 -24.11 26.22 -18.62
N TRP A 329 -24.42 25.18 -17.85
CA TRP A 329 -24.16 23.80 -18.27
C TRP A 329 -25.38 23.26 -19.02
N LYS A 330 -25.23 23.05 -20.32
CA LYS A 330 -26.34 22.66 -21.19
C LYS A 330 -25.95 21.45 -22.01
N PRO A 331 -26.71 20.36 -21.96
CA PRO A 331 -26.45 19.22 -22.85
C PRO A 331 -26.47 19.63 -24.32
N GLY A 332 -25.70 18.89 -25.11
CA GLY A 332 -25.57 19.13 -26.54
C GLY A 332 -25.00 17.92 -27.23
N ASN A 333 -24.92 17.99 -28.54
CA ASN A 333 -24.28 16.93 -29.31
C ASN A 333 -22.80 16.90 -28.95
N PRO A 334 -22.27 15.77 -28.48
CA PRO A 334 -20.84 15.74 -28.10
C PRO A 334 -19.90 16.05 -29.25
N LEU A 335 -20.35 15.91 -30.50
CA LEU A 335 -19.50 16.22 -31.65
C LEU A 335 -19.46 17.71 -31.96
N ASP A 336 -20.26 18.52 -31.29
CA ASP A 336 -20.20 19.96 -31.49
C ASP A 336 -19.16 20.55 -30.55
N PRO A 337 -18.16 21.28 -31.06
CA PRO A 337 -17.10 21.82 -30.18
C PRO A 337 -17.64 22.75 -29.12
N ALA A 338 -18.79 23.36 -29.35
CA ALA A 338 -19.36 24.29 -28.40
C ALA A 338 -19.99 23.58 -27.20
N THR A 339 -20.26 22.29 -27.31
CA THR A 339 -20.94 21.56 -26.24
C THR A 339 -20.04 21.40 -25.02
N ASN A 340 -20.60 21.68 -23.83
CA ASN A 340 -19.87 21.47 -22.58
C ASN A 340 -20.46 20.37 -21.71
N VAL A 341 -21.60 19.80 -22.10
CA VAL A 341 -22.19 18.64 -21.44
C VAL A 341 -22.72 17.70 -22.51
N GLY A 342 -22.31 16.44 -22.47
CA GLY A 342 -22.76 15.49 -23.47
C GLY A 342 -24.24 15.20 -23.31
N ALA A 343 -25.02 15.41 -24.37
CA ALA A 343 -26.43 14.98 -24.43
C ALA A 343 -26.45 13.59 -25.05
N LEU A 344 -26.53 12.59 -24.20
CA LEU A 344 -26.33 11.20 -24.62
C LEU A 344 -27.66 10.55 -25.02
N VAL A 345 -27.53 9.34 -25.54
CA VAL A 345 -28.65 8.54 -26.02
C VAL A 345 -28.48 7.13 -25.49
N ASP A 346 -29.60 6.42 -25.38
CA ASP A 346 -29.58 5.03 -24.94
C ASP A 346 -28.75 4.16 -25.88
N THR A 347 -28.04 3.19 -25.31
CA THR A 347 -27.27 2.23 -26.10
C THR A 347 -27.97 0.87 -26.17
N ALA A 398 -31.32 23.54 11.29
CA ALA A 398 -31.47 24.40 10.14
C ALA A 398 -30.48 24.01 9.05
N GLN A 399 -29.92 22.80 9.18
CA GLN A 399 -28.65 22.42 8.57
C GLN A 399 -28.78 21.81 7.18
N GLU A 400 -29.80 20.99 6.89
CA GLU A 400 -29.86 20.28 5.61
C GLU A 400 -31.12 20.61 4.84
N GLU A 401 -30.97 20.93 3.55
CA GLU A 401 -32.06 21.36 2.70
C GLU A 401 -31.85 20.88 1.28
N ILE A 402 -32.95 20.69 0.57
CA ILE A 402 -32.97 20.49 -0.88
C ILE A 402 -33.65 21.71 -1.46
N PHE A 403 -32.92 22.51 -2.23
CA PHE A 403 -33.40 23.85 -2.53
C PHE A 403 -34.22 23.92 -3.80
N GLY A 404 -33.63 23.58 -4.93
CA GLY A 404 -34.36 23.52 -6.17
C GLY A 404 -34.70 22.09 -6.46
N PRO A 405 -34.95 21.78 -7.73
CA PRO A 405 -35.08 20.36 -8.12
C PRO A 405 -33.84 19.57 -7.79
N VAL A 406 -32.65 20.19 -7.90
CA VAL A 406 -31.40 19.43 -7.84
C VAL A 406 -30.32 20.10 -7.00
N LEU A 407 -30.71 20.96 -6.06
CA LEU A 407 -29.72 21.69 -5.25
C LEU A 407 -29.82 21.26 -3.78
N SER A 408 -28.93 20.37 -3.38
CA SER A 408 -28.83 19.91 -1.99
C SER A 408 -27.72 20.68 -1.27
N VAL A 409 -28.05 21.21 -0.09
CA VAL A 409 -27.20 22.20 0.57
C VAL A 409 -27.20 21.95 2.07
N LEU A 410 -26.01 21.92 2.65
CA LEU A 410 -25.85 21.87 4.10
C LEU A 410 -25.32 23.20 4.61
N THR A 411 -25.91 23.69 5.69
CA THR A 411 -25.56 24.97 6.28
C THR A 411 -24.87 24.74 7.62
N PHE A 412 -23.80 25.50 7.87
CA PHE A 412 -23.05 25.41 9.11
C PHE A 412 -22.80 26.82 9.65
N ASP A 413 -22.48 26.88 10.94
CA ASP A 413 -22.13 28.14 11.58
C ASP A 413 -20.65 28.27 11.91
N THR A 414 -19.98 27.16 12.21
CA THR A 414 -18.58 27.19 12.60
C THR A 414 -17.77 26.24 11.72
N ALA A 415 -16.46 26.49 11.66
CA ALA A 415 -15.56 25.60 10.91
C ALA A 415 -15.58 24.18 11.45
N GLU A 416 -15.68 24.05 12.77
CA GLU A 416 -15.71 22.73 13.39
C GLU A 416 -16.94 21.94 12.90
N GLU A 417 -18.09 22.62 12.81
CA GLU A 417 -19.27 21.99 12.23
C GLU A 417 -19.00 21.55 10.79
N ALA A 418 -18.40 22.44 9.99
CA ALA A 418 -18.15 22.10 8.59
C ALA A 418 -17.24 20.89 8.47
N ILE A 419 -16.19 20.83 9.31
CA ILE A 419 -15.26 19.71 9.26
C ILE A 419 -15.94 18.42 9.68
N GLN A 420 -16.73 18.49 10.75
CA GLN A 420 -17.36 17.26 11.23
C GLN A 420 -18.39 16.76 10.24
N ILE A 421 -19.16 17.66 9.63
CA ILE A 421 -20.10 17.22 8.59
C ILE A 421 -19.34 16.69 7.37
N ALA A 422 -18.28 17.38 6.94
CA ALA A 422 -17.56 16.95 5.75
C ALA A 422 -16.89 15.59 5.96
N ASN A 423 -16.39 15.33 7.17
CA ASN A 423 -15.73 14.06 7.47
C ASN A 423 -16.70 12.94 7.82
N ASP A 424 -17.99 13.23 7.99
CA ASP A 424 -18.97 12.22 8.38
C ASP A 424 -19.36 11.40 7.15
N THR A 425 -18.42 10.58 6.70
CA THR A 425 -18.57 9.96 5.40
C THR A 425 -17.74 8.69 5.31
N PRO A 426 -18.22 7.67 4.57
CA PRO A 426 -17.31 6.65 4.02
C PRO A 426 -16.08 7.22 3.31
N TYR A 427 -16.10 8.54 3.07
CA TYR A 427 -15.02 9.36 2.49
C TYR A 427 -15.15 9.31 0.98
N GLY A 428 -14.38 10.11 0.23
CA GLY A 428 -13.46 11.13 0.72
C GLY A 428 -12.26 11.21 -0.21
N LEU A 429 -12.56 11.25 -1.51
CA LEU A 429 -11.51 11.32 -2.50
C LEU A 429 -10.92 12.72 -2.58
N ALA A 430 -11.77 13.73 -2.51
CA ALA A 430 -11.35 15.09 -2.73
C ALA A 430 -12.13 16.00 -1.81
N ALA A 431 -11.70 17.26 -1.73
CA ALA A 431 -12.40 18.28 -0.96
C ALA A 431 -11.92 19.65 -1.43
N ALA A 432 -12.80 20.63 -1.34
CA ALA A 432 -12.45 22.01 -1.63
C ALA A 432 -12.87 22.91 -0.48
N VAL A 433 -11.99 23.84 -0.12
CA VAL A 433 -12.22 24.83 0.92
C VAL A 433 -12.04 26.21 0.32
N TRP A 434 -12.94 27.13 0.66
CA TRP A 434 -12.90 28.50 0.16
C TRP A 434 -12.90 29.46 1.35
N THR A 435 -11.76 30.08 1.62
CA THR A 435 -11.63 31.08 2.68
C THR A 435 -10.37 31.89 2.41
N ALA A 436 -10.44 33.18 2.68
CA ALA A 436 -9.30 34.07 2.56
C ALA A 436 -8.42 34.08 3.80
N ASN A 437 -8.81 33.36 4.84
CA ASN A 437 -8.14 33.46 6.13
C ASN A 437 -7.05 32.41 6.21
N LEU A 438 -5.84 32.86 6.54
CA LEU A 438 -4.67 31.98 6.51
C LEU A 438 -4.82 30.81 7.46
N SER A 439 -5.13 31.08 8.73
CA SER A 439 -5.22 29.98 9.71
C SER A 439 -6.37 29.02 9.38
N LYS A 440 -7.55 29.56 9.09
CA LYS A 440 -8.70 28.70 8.81
C LYS A 440 -8.46 27.83 7.56
N ALA A 441 -7.82 28.39 6.53
CA ALA A 441 -7.52 27.60 5.34
C ALA A 441 -6.64 26.39 5.68
N HIS A 442 -5.51 26.63 6.35
CA HIS A 442 -4.57 25.53 6.60
C HIS A 442 -5.14 24.54 7.61
N LEU A 443 -5.80 25.03 8.66
CA LEU A 443 -6.31 24.15 9.70
C LEU A 443 -7.48 23.29 9.20
N THR A 444 -8.35 23.87 8.34
CA THR A 444 -9.46 23.11 7.77
C THR A 444 -8.96 22.06 6.79
N ALA A 445 -8.10 22.46 5.85
CA ALA A 445 -7.47 21.52 4.93
C ALA A 445 -6.84 20.37 5.68
N ARG A 446 -6.11 20.69 6.75
CA ARG A 446 -5.44 19.63 7.51
C ARG A 446 -6.44 18.72 8.20
N ALA A 447 -7.57 19.26 8.66
CA ALA A 447 -8.56 18.45 9.36
C ALA A 447 -9.39 17.58 8.43
N LEU A 448 -9.44 17.86 7.12
CA LEU A 448 -10.28 17.06 6.24
C LEU A 448 -9.61 15.73 5.92
N ARG A 449 -10.41 14.66 5.94
CA ARG A 449 -9.92 13.33 5.58
C ARG A 449 -10.22 13.08 4.09
N ALA A 450 -9.35 13.63 3.25
CA ALA A 450 -9.47 13.49 1.80
C ALA A 450 -8.06 13.39 1.23
N GLY A 451 -7.92 12.58 0.17
CA GLY A 451 -6.61 12.47 -0.45
C GLY A 451 -6.18 13.73 -1.17
N SER A 452 -7.13 14.53 -1.65
CA SER A 452 -6.86 15.80 -2.32
C SER A 452 -7.71 16.89 -1.68
N VAL A 453 -7.07 17.96 -1.25
CA VAL A 453 -7.78 19.14 -0.77
C VAL A 453 -7.40 20.32 -1.65
N TRP A 454 -8.39 21.00 -2.19
CA TRP A 454 -8.21 22.20 -3.00
C TRP A 454 -8.65 23.41 -2.20
N VAL A 455 -7.83 24.45 -2.22
CA VAL A 455 -8.12 25.66 -1.45
C VAL A 455 -8.24 26.83 -2.41
N ASN A 456 -9.42 27.47 -2.39
CA ASN A 456 -9.71 28.67 -3.18
C ASN A 456 -9.64 28.39 -4.68
N GLN A 457 -9.85 27.13 -5.05
CA GLN A 457 -9.94 26.65 -6.42
C GLN A 457 -10.56 25.25 -6.37
N TYR A 458 -10.87 24.70 -7.53
CA TYR A 458 -11.44 23.35 -7.60
C TYR A 458 -10.79 22.56 -8.74
N ASP A 459 -10.64 21.26 -8.54
CA ASP A 459 -9.97 20.35 -9.50
C ASP A 459 -8.60 20.89 -9.93
N GLY A 460 -7.87 21.55 -9.02
CA GLY A 460 -6.50 21.92 -9.34
C GLY A 460 -5.55 20.75 -9.12
N GLY A 461 -4.40 20.79 -9.77
CA GLY A 461 -3.49 19.67 -9.57
C GLY A 461 -2.66 19.32 -10.79
N ASP A 462 -1.36 19.55 -10.65
CA ASP A 462 -0.38 19.20 -11.66
C ASP A 462 -0.23 17.68 -11.72
N MET A 463 0.59 17.22 -12.68
CA MET A 463 1.09 15.85 -12.60
C MET A 463 1.86 15.61 -11.30
N THR A 464 2.38 16.68 -10.66
CA THR A 464 3.10 16.56 -9.39
C THR A 464 2.13 16.29 -8.18
N ALA A 465 0.87 15.93 -8.43
CA ALA A 465 -0.20 15.80 -7.42
C ALA A 465 -0.63 14.35 -7.22
N PRO A 466 -0.28 13.68 -6.11
CA PRO A 466 -0.83 12.33 -5.91
C PRO A 466 -2.35 12.39 -5.68
N PHE A 467 -3.10 11.63 -6.47
CA PHE A 467 -4.55 11.59 -6.43
C PHE A 467 -5.00 10.25 -5.85
N GLY A 468 -5.76 10.31 -4.76
CA GLY A 468 -6.18 9.12 -4.04
C GLY A 468 -7.09 9.50 -2.87
N GLY A 469 -7.47 8.49 -2.07
CA GLY A 469 -8.48 8.69 -1.05
C GLY A 469 -8.06 8.18 0.31
N PHE A 470 -8.77 8.69 1.33
CA PHE A 470 -8.73 8.14 2.68
C PHE A 470 -9.83 7.10 2.84
N LYS A 471 -9.50 5.96 3.44
CA LYS A 471 -10.47 4.93 3.91
C LYS A 471 -11.18 4.34 2.69
N GLN A 472 -12.53 4.26 2.67
CA GLN A 472 -13.26 3.57 1.60
C GLN A 472 -13.17 4.30 0.27
N SER A 473 -12.47 5.43 0.23
CA SER A 473 -12.19 6.08 -1.04
C SER A 473 -11.03 5.44 -1.80
N GLY A 474 -10.20 4.64 -1.13
CA GLY A 474 -9.18 3.89 -1.80
C GLY A 474 -7.89 3.86 -1.00
N ASN A 475 -6.85 3.32 -1.62
CA ASN A 475 -5.52 3.25 -1.04
C ASN A 475 -4.49 3.45 -2.15
N GLY A 476 -3.37 4.07 -1.80
CA GLY A 476 -2.40 4.46 -2.79
C GLY A 476 -2.87 5.66 -3.59
N ARG A 477 -1.97 6.20 -4.41
CA ARG A 477 -2.21 7.48 -5.04
C ARG A 477 -1.74 7.42 -6.48
N ASP A 478 -2.65 7.72 -7.41
CA ASP A 478 -2.25 8.03 -8.76
C ASP A 478 -1.47 9.34 -8.79
N LYS A 479 -0.63 9.50 -9.82
CA LYS A 479 0.16 10.69 -10.13
C LYS A 479 1.29 10.94 -9.12
N SER A 480 2.22 11.86 -9.44
CA SER A 480 3.36 12.25 -8.61
C SER A 480 4.46 11.22 -8.54
N LEU A 481 5.55 11.54 -7.83
CA LEU A 481 6.60 10.55 -7.67
C LEU A 481 6.12 9.40 -6.81
N HIS A 482 5.20 9.67 -5.88
CA HIS A 482 4.62 8.60 -5.07
C HIS A 482 3.84 7.60 -5.88
N ALA A 483 3.37 7.99 -7.08
CA ALA A 483 2.68 7.05 -7.96
C ALA A 483 3.55 5.85 -8.27
N PHE A 484 4.87 6.03 -8.34
CA PHE A 484 5.74 4.93 -8.71
C PHE A 484 5.74 3.82 -7.66
N ASP A 485 5.50 4.17 -6.38
CA ASP A 485 5.67 3.18 -5.32
C ASP A 485 4.72 1.99 -5.47
N LYS A 486 3.49 2.23 -5.95
CA LYS A 486 2.54 1.15 -6.24
C LYS A 486 3.09 0.09 -7.18
N TYR A 487 4.08 0.44 -8.00
CA TYR A 487 4.49 -0.46 -9.07
C TYR A 487 5.87 -1.06 -8.83
N THR A 488 6.42 -0.90 -7.62
CA THR A 488 7.74 -1.42 -7.30
C THR A 488 7.71 -2.13 -5.95
N GLU A 489 8.71 -2.97 -5.72
CA GLU A 489 8.98 -3.62 -4.44
C GLU A 489 10.28 -3.07 -3.85
N LEU A 490 10.29 -2.90 -2.53
CA LEU A 490 11.51 -2.56 -1.81
C LEU A 490 12.36 -3.80 -1.57
N LYS A 491 13.67 -3.68 -1.81
CA LYS A 491 14.61 -4.71 -1.43
C LYS A 491 15.74 -4.10 -0.60
N SER A 492 16.14 -4.82 0.46
CA SER A 492 17.30 -4.48 1.29
C SER A 492 18.45 -5.42 0.97
N THR A 493 19.55 -4.87 0.52
CA THR A 493 20.76 -5.66 0.27
C THR A 493 21.80 -5.21 1.27
N TRP A 494 22.17 -6.09 2.19
CA TRP A 494 23.12 -5.78 3.27
C TRP A 494 24.41 -6.57 3.04
N ILE A 495 25.48 -5.86 2.70
CA ILE A 495 26.69 -6.49 2.20
C ILE A 495 27.79 -6.33 3.24
N LYS A 496 28.28 -7.47 3.71
CA LYS A 496 29.41 -7.49 4.63
C LYS A 496 30.70 -7.24 3.84
N LEU A 497 31.46 -6.25 4.26
CA LEU A 497 32.74 -5.98 3.63
C LEU A 497 33.89 -6.34 4.60
N THR B 3 25.98 -11.42 36.33
CA THR B 3 25.38 -12.33 35.37
C THR B 3 24.63 -13.45 36.08
N LEU B 4 23.34 -13.55 35.77
CA LEU B 4 22.45 -14.44 36.50
C LEU B 4 22.69 -15.89 36.08
N THR B 5 22.58 -16.79 37.04
CA THR B 5 22.68 -18.23 36.81
C THR B 5 21.30 -18.81 36.58
N ARG B 6 21.27 -20.08 36.18
CA ARG B 6 19.99 -20.75 36.02
C ARG B 6 19.18 -20.73 37.31
N ALA B 7 19.85 -20.98 38.45
CA ALA B 7 19.16 -20.97 39.73
C ALA B 7 18.60 -19.59 40.04
N ASP B 8 19.36 -18.54 39.77
CA ASP B 8 18.85 -17.17 39.86
C ASP B 8 17.58 -16.98 39.03
N TRP B 9 17.58 -17.50 37.79
CA TRP B 9 16.41 -17.32 36.91
C TRP B 9 15.23 -18.16 37.36
N GLU B 10 15.49 -19.37 37.89
CA GLU B 10 14.40 -20.17 38.40
C GLU B 10 13.78 -19.55 39.64
N GLN B 11 14.61 -18.89 40.47
CA GLN B 11 14.07 -18.17 41.61
C GLN B 11 13.24 -16.95 41.18
N ARG B 12 13.75 -16.18 40.22
CA ARG B 12 12.96 -15.04 39.73
C ARG B 12 11.67 -15.49 39.06
N ALA B 13 11.72 -16.60 38.33
CA ALA B 13 10.52 -17.10 37.66
C ALA B 13 9.44 -17.46 38.68
N GLN B 14 9.86 -18.10 39.79
CA GLN B 14 8.92 -18.49 40.82
C GLN B 14 8.30 -17.28 41.52
N ASN B 15 9.05 -16.19 41.64
CA ASN B 15 8.62 -15.03 42.40
C ASN B 15 7.90 -13.96 41.57
N LEU B 16 7.75 -14.15 40.26
CA LEU B 16 6.96 -13.20 39.47
C LEU B 16 5.50 -13.20 39.91
N LYS B 17 4.88 -12.02 39.88
CA LYS B 17 3.43 -11.92 39.81
C LYS B 17 3.06 -11.51 38.38
N ILE B 18 2.31 -12.37 37.69
CA ILE B 18 2.10 -12.26 36.25
C ILE B 18 0.70 -11.71 36.00
N GLU B 19 0.64 -10.58 35.30
CA GLU B 19 -0.62 -9.96 34.89
C GLU B 19 -1.20 -10.67 33.65
N GLY B 20 -2.50 -10.95 33.68
CA GLY B 20 -3.16 -11.69 32.62
C GLY B 20 -4.31 -10.94 31.94
N ARG B 21 -4.67 -9.78 32.47
CA ARG B 21 -5.84 -9.06 31.95
C ARG B 21 -5.53 -8.35 30.62
N ALA B 22 -6.60 -8.06 29.89
CA ALA B 22 -6.56 -7.13 28.78
C ALA B 22 -6.34 -5.71 29.30
N PHE B 23 -6.07 -4.78 28.39
CA PHE B 23 -5.79 -3.39 28.77
C PHE B 23 -6.53 -2.47 27.80
N ILE B 24 -7.49 -1.71 28.33
CA ILE B 24 -8.30 -0.82 27.51
C ILE B 24 -8.46 0.50 28.24
N GLN B 25 -8.25 1.60 27.53
CA GLN B 25 -8.48 2.96 28.03
C GLN B 25 -7.74 3.18 29.36
N GLY B 26 -6.47 2.78 29.38
CA GLY B 26 -5.61 3.05 30.51
C GLY B 26 -5.77 2.13 31.70
N GLU B 27 -6.58 1.08 31.61
CA GLU B 27 -6.80 0.18 32.74
C GLU B 27 -6.79 -1.27 32.30
N TYR B 28 -6.14 -2.13 33.09
CA TYR B 28 -6.33 -3.56 32.90
C TYR B 28 -7.80 -3.93 33.16
N THR B 29 -8.26 -4.94 32.45
CA THR B 29 -9.68 -5.28 32.46
C THR B 29 -9.85 -6.75 32.10
N ALA B 30 -10.84 -7.38 32.72
CA ALA B 30 -11.30 -8.66 32.23
C ALA B 30 -11.94 -8.49 30.84
N ALA B 31 -11.98 -9.58 30.09
CA ALA B 31 -12.82 -9.65 28.91
C ALA B 31 -14.27 -9.44 29.29
N ALA B 32 -15.07 -8.92 28.34
CA ALA B 32 -16.48 -8.65 28.62
C ALA B 32 -17.20 -9.89 29.15
N SER B 33 -16.90 -11.05 28.56
CA SER B 33 -17.51 -12.31 28.98
C SER B 33 -16.98 -12.83 30.31
N GLY B 34 -15.87 -12.29 30.83
CA GLY B 34 -15.26 -12.86 32.00
C GLY B 34 -14.43 -14.11 31.74
N GLU B 35 -14.36 -14.58 30.51
CA GLU B 35 -13.65 -15.80 30.20
C GLU B 35 -12.14 -15.56 30.12
N THR B 36 -11.40 -16.64 30.33
CA THR B 36 -9.95 -16.65 30.26
C THR B 36 -9.51 -17.93 29.59
N PHE B 37 -8.23 -17.97 29.23
CA PHE B 37 -7.57 -19.19 28.79
C PHE B 37 -6.28 -19.34 29.59
N ASP B 38 -5.82 -20.58 29.68
CA ASP B 38 -4.68 -20.92 30.51
C ASP B 38 -3.39 -20.69 29.73
N CYS B 39 -2.55 -19.81 30.25
CA CYS B 39 -1.23 -19.55 29.67
C CYS B 39 -0.25 -20.51 30.34
N ILE B 40 0.14 -21.54 29.61
CA ILE B 40 0.94 -22.65 30.13
C ILE B 40 2.36 -22.48 29.64
N SER B 41 3.33 -22.59 30.54
CA SER B 41 4.73 -22.42 30.15
C SER B 41 5.25 -23.66 29.43
N PRO B 42 5.79 -23.51 28.22
CA PRO B 42 6.47 -24.66 27.58
C PRO B 42 7.79 -25.03 28.25
N VAL B 43 8.28 -24.22 29.18
CA VAL B 43 9.44 -24.63 29.97
C VAL B 43 9.06 -25.77 30.88
N ASP B 44 7.95 -25.62 31.61
CA ASP B 44 7.63 -26.37 32.82
C ASP B 44 6.32 -27.12 32.77
N GLY B 45 5.38 -26.69 31.93
CA GLY B 45 4.00 -27.00 32.14
C GLY B 45 3.33 -26.16 33.20
N ARG B 46 4.07 -25.32 33.93
CA ARG B 46 3.44 -24.54 34.99
C ARG B 46 2.41 -23.57 34.40
N LEU B 47 1.39 -23.29 35.18
CA LEU B 47 0.39 -22.29 34.80
C LEU B 47 0.95 -20.91 35.12
N LEU B 48 1.16 -20.10 34.08
CA LEU B 48 1.71 -18.76 34.34
C LEU B 48 0.60 -17.80 34.76
N ALA B 49 -0.57 -17.88 34.14
CA ALA B 49 -1.62 -16.91 34.38
C ALA B 49 -2.87 -17.39 33.68
N LYS B 50 -4.01 -16.89 34.15
CA LYS B 50 -5.26 -17.04 33.44
C LYS B 50 -5.49 -15.74 32.69
N VAL B 51 -5.37 -15.81 31.36
CA VAL B 51 -5.32 -14.63 30.49
C VAL B 51 -6.70 -14.36 29.94
N ALA B 52 -7.11 -13.09 29.96
CA ALA B 52 -8.37 -12.69 29.37
C ALA B 52 -8.50 -13.17 27.93
N SER B 53 -9.67 -13.74 27.61
CA SER B 53 -9.94 -14.33 26.30
C SER B 53 -10.93 -13.39 25.63
N CYS B 54 -10.40 -12.36 24.99
CA CYS B 54 -11.24 -11.31 24.45
C CYS B 54 -12.00 -11.81 23.22
N ASP B 55 -13.07 -11.11 22.88
CA ASP B 55 -13.89 -11.46 21.73
C ASP B 55 -14.33 -10.16 21.05
N ALA B 56 -15.35 -10.28 20.19
CA ALA B 56 -15.82 -9.15 19.39
C ALA B 56 -16.23 -7.96 20.25
N ALA B 57 -16.86 -8.21 21.40
CA ALA B 57 -17.29 -7.10 22.25
C ALA B 57 -16.10 -6.29 22.76
N ASP B 58 -14.99 -6.97 23.06
CA ASP B 58 -13.81 -6.26 23.54
C ASP B 58 -13.13 -5.52 22.40
N ALA B 59 -13.09 -6.14 21.22
CA ALA B 59 -12.66 -5.41 20.02
C ALA B 59 -13.46 -4.13 19.88
N GLN B 60 -14.77 -4.19 20.08
CA GLN B 60 -15.60 -3.00 19.94
C GLN B 60 -15.19 -1.93 20.94
N ARG B 61 -15.02 -2.32 22.21
CA ARG B 61 -14.64 -1.33 23.23
C ARG B 61 -13.22 -0.81 23.00
N ALA B 62 -12.28 -1.69 22.66
CA ALA B 62 -10.92 -1.23 22.33
C ALA B 62 -10.91 -0.24 21.16
N VAL B 63 -11.72 -0.50 20.13
CA VAL B 63 -11.73 0.38 18.96
C VAL B 63 -12.40 1.71 19.29
N GLU B 64 -13.50 1.68 20.05
CA GLU B 64 -14.13 2.94 20.46
C GLU B 64 -13.17 3.78 21.29
N SER B 65 -12.46 3.13 22.22
CA SER B 65 -11.43 3.80 23.00
C SER B 65 -10.33 4.37 22.09
N ALA B 66 -9.86 3.56 21.14
CA ALA B 66 -8.80 4.01 20.23
C ALA B 66 -9.26 5.22 19.42
N ARG B 67 -10.48 5.14 18.85
CA ARG B 67 -11.02 6.21 18.02
C ARG B 67 -11.17 7.50 18.81
N SER B 68 -11.77 7.41 20.01
CA SER B 68 -11.94 8.61 20.82
C SER B 68 -10.59 9.18 21.25
N ALA B 69 -9.60 8.33 21.52
CA ALA B 69 -8.30 8.88 21.83
C ALA B 69 -7.69 9.56 20.61
N PHE B 70 -7.82 8.93 19.44
CA PHE B 70 -7.32 9.54 18.21
C PHE B 70 -7.99 10.89 17.97
N ASP B 71 -9.33 10.95 18.06
CA ASP B 71 -10.04 12.20 17.78
C ASP B 71 -9.70 13.28 18.79
N SER B 72 -9.34 12.91 20.03
CA SER B 72 -9.00 13.91 21.04
C SER B 72 -7.73 14.68 20.70
N GLY B 73 -6.86 14.13 19.86
CA GLY B 73 -5.60 14.77 19.55
C GLY B 73 -4.55 14.67 20.63
N ALA B 74 -4.86 14.05 21.78
CA ALA B 74 -3.90 13.99 22.89
C ALA B 74 -2.56 13.40 22.45
N TRP B 75 -2.62 12.41 21.56
CA TRP B 75 -1.41 11.85 20.95
C TRP B 75 -1.31 12.18 19.46
N SER B 76 -2.40 12.09 18.71
CA SER B 76 -2.35 12.30 17.27
C SER B 76 -1.97 13.72 16.90
N ARG B 77 -2.21 14.71 17.78
CA ARG B 77 -1.83 16.08 17.48
C ARG B 77 -0.82 16.63 18.49
N LEU B 78 -0.21 15.76 19.29
CA LEU B 78 0.91 16.17 20.12
C LEU B 78 2.10 16.53 19.24
N ALA B 79 2.84 17.56 19.65
CA ALA B 79 4.01 18.01 18.90
C ALA B 79 4.96 16.84 18.61
N PRO B 80 5.52 16.77 17.40
CA PRO B 80 6.43 15.67 17.08
C PRO B 80 7.56 15.49 18.07
N ALA B 81 8.13 16.57 18.59
CA ALA B 81 9.24 16.42 19.52
C ALA B 81 8.80 15.82 20.85
N LYS B 82 7.55 16.08 21.25
CA LYS B 82 7.03 15.46 22.47
C LYS B 82 6.67 13.99 22.25
N ARG B 83 6.18 13.63 21.05
CA ARG B 83 6.01 12.21 20.78
C ARG B 83 7.35 11.50 20.70
N LYS B 84 8.39 12.16 20.19
CA LYS B 84 9.73 11.58 20.23
C LYS B 84 10.14 11.26 21.67
N ALA B 85 10.05 12.25 22.58
CA ALA B 85 10.51 12.06 23.96
C ALA B 85 9.74 10.92 24.65
N THR B 86 8.44 10.82 24.39
CA THR B 86 7.64 9.78 25.03
C THR B 86 8.05 8.40 24.54
N MET B 87 8.23 8.25 23.23
CA MET B 87 8.66 6.97 22.65
C MET B 87 10.02 6.56 23.20
N ILE B 88 10.93 7.52 23.37
CA ILE B 88 12.23 7.21 23.93
C ILE B 88 12.11 6.78 25.39
N ARG B 89 11.28 7.48 26.17
CA ARG B 89 11.02 7.06 27.56
C ARG B 89 10.36 5.68 27.61
N PHE B 90 9.46 5.42 26.64
CA PHE B 90 8.82 4.11 26.55
C PHE B 90 9.88 3.03 26.36
N ALA B 91 10.81 3.25 25.41
CA ALA B 91 11.92 2.35 25.22
C ALA B 91 12.77 2.21 26.48
N GLY B 92 13.05 3.32 27.19
CA GLY B 92 13.80 3.25 28.43
C GLY B 92 13.11 2.40 29.49
N LEU B 93 11.77 2.39 29.49
CA LEU B 93 11.05 1.57 30.46
C LEU B 93 11.14 0.09 30.11
N LEU B 94 11.19 -0.28 28.82
CA LEU B 94 11.48 -1.67 28.49
C LEU B 94 12.86 -2.08 28.98
N GLU B 95 13.86 -1.21 28.75
CA GLU B 95 15.21 -1.50 29.22
C GLU B 95 15.27 -1.56 30.74
N GLN B 96 14.61 -0.63 31.43
CA GLN B 96 14.60 -0.63 32.88
C GLN B 96 13.92 -1.88 33.45
N ASN B 97 12.99 -2.48 32.70
CA ASN B 97 12.31 -3.69 33.14
C ASN B 97 12.76 -4.92 32.34
N ALA B 98 13.98 -4.89 31.81
CA ALA B 98 14.39 -5.89 30.81
C ALA B 98 14.41 -7.30 31.38
N GLU B 99 14.85 -7.47 32.63
CA GLU B 99 14.94 -8.81 33.20
C GLU B 99 13.57 -9.43 33.37
N GLU B 100 12.59 -8.65 33.84
CA GLU B 100 11.24 -9.19 33.97
C GLU B 100 10.63 -9.49 32.59
N LEU B 101 10.86 -8.60 31.60
CA LEU B 101 10.26 -8.84 30.29
C LEU B 101 10.88 -10.05 29.61
N ALA B 102 12.21 -10.18 29.71
CA ALA B 102 12.86 -11.35 29.10
C ALA B 102 12.40 -12.64 29.74
N LEU B 103 12.23 -12.62 31.06
CA LEU B 103 11.75 -13.80 31.78
C LEU B 103 10.31 -14.14 31.39
N LEU B 104 9.44 -13.13 31.28
CA LEU B 104 8.09 -13.40 30.79
C LEU B 104 8.14 -14.03 29.41
N GLU B 105 8.96 -13.47 28.51
CA GLU B 105 9.08 -13.99 27.16
C GLU B 105 9.53 -15.45 27.17
N THR B 106 10.56 -15.75 27.96
CA THR B 106 11.12 -17.10 28.01
C THR B 106 10.12 -18.09 28.62
N LEU B 107 9.44 -17.69 29.69
CA LEU B 107 8.45 -18.58 30.29
C LEU B 107 7.24 -18.76 29.37
N ASP B 108 6.85 -17.69 28.67
CA ASP B 108 5.63 -17.68 27.87
C ASP B 108 5.73 -18.63 26.67
N MET B 109 6.86 -18.59 25.94
CA MET B 109 6.93 -19.40 24.73
C MET B 109 8.26 -20.12 24.55
N GLY B 110 9.13 -20.16 25.57
CA GLY B 110 10.23 -21.09 25.59
C GLY B 110 11.54 -20.60 24.99
N LYS B 111 11.60 -19.35 24.56
CA LYS B 111 12.85 -18.81 24.04
C LYS B 111 13.94 -18.86 25.10
N PRO B 112 15.17 -19.26 24.74
CA PRO B 112 16.27 -19.24 25.71
C PRO B 112 16.41 -17.87 26.34
N ILE B 113 16.70 -17.86 27.65
CA ILE B 113 16.75 -16.61 28.40
C ILE B 113 17.87 -15.71 27.89
N SER B 114 18.99 -16.28 27.45
CA SER B 114 20.05 -15.44 26.90
C SER B 114 19.61 -14.74 25.61
N ASP B 115 18.75 -15.36 24.80
CA ASP B 115 18.22 -14.68 23.62
C ASP B 115 17.19 -13.61 24.02
N SER B 116 16.26 -13.96 24.91
CA SER B 116 15.27 -13.00 25.37
C SER B 116 15.92 -11.76 25.95
N LEU B 117 16.91 -11.95 26.83
CA LEU B 117 17.55 -10.82 27.48
C LEU B 117 18.51 -10.11 26.55
N GLY B 118 19.18 -10.87 25.68
CA GLY B 118 20.29 -10.32 24.92
C GLY B 118 19.89 -9.80 23.55
N VAL B 119 18.81 -10.33 22.98
CA VAL B 119 18.42 -9.96 21.62
C VAL B 119 17.05 -9.29 21.60
N ASP B 120 16.02 -10.00 22.09
CA ASP B 120 14.64 -9.60 21.84
C ASP B 120 14.25 -8.33 22.60
N ILE B 121 14.48 -8.30 23.92
CA ILE B 121 14.13 -7.09 24.69
C ILE B 121 14.95 -5.89 24.23
N PRO B 122 16.29 -5.97 24.10
CA PRO B 122 17.01 -4.83 23.51
C PRO B 122 16.52 -4.48 22.11
N GLY B 123 16.19 -5.48 21.29
CA GLY B 123 15.77 -5.19 19.92
C GLY B 123 14.40 -4.53 19.87
N GLY B 124 13.49 -4.94 20.75
CA GLY B 124 12.21 -4.27 20.83
C GLY B 124 12.33 -2.86 21.36
N ALA B 125 13.14 -2.66 22.40
CA ALA B 125 13.35 -1.30 22.90
C ALA B 125 13.94 -0.41 21.82
N ARG B 126 14.92 -0.94 21.07
CA ARG B 126 15.57 -0.18 20.01
C ARG B 126 14.57 0.21 18.91
N ALA B 127 13.62 -0.66 18.61
CA ALA B 127 12.62 -0.33 17.60
C ALA B 127 11.76 0.86 18.05
N LEU B 128 11.45 0.93 19.35
CA LEU B 128 10.67 2.05 19.88
C LEU B 128 11.47 3.34 19.88
N SER B 129 12.72 3.31 20.40
CA SER B 129 13.51 4.54 20.48
C SER B 129 13.94 5.04 19.10
N TRP B 130 14.32 4.12 18.20
CA TRP B 130 14.73 4.53 16.85
C TRP B 130 13.59 5.20 16.10
N SER B 131 12.39 4.62 16.17
CA SER B 131 11.24 5.24 15.52
C SER B 131 10.91 6.58 16.17
N GLY B 132 11.05 6.66 17.50
CA GLY B 132 10.84 7.94 18.17
C GLY B 132 11.83 9.00 17.71
N GLU B 133 13.11 8.65 17.70
CA GLU B 133 14.16 9.54 17.19
C GLU B 133 13.87 10.05 15.78
N ALA B 134 13.24 9.23 14.94
CA ALA B 134 13.01 9.58 13.54
C ALA B 134 11.92 10.61 13.34
N ILE B 135 10.96 10.71 14.28
CA ILE B 135 9.70 11.41 14.04
C ILE B 135 9.94 12.81 13.51
N ASP B 136 10.74 13.61 14.22
CA ASP B 136 10.90 15.00 13.83
C ASP B 136 12.05 15.19 12.86
N LYS B 137 12.62 14.11 12.33
CA LYS B 137 13.59 14.18 11.23
C LYS B 137 12.93 13.97 9.87
N LEU B 138 11.65 13.62 9.84
CA LEU B 138 10.94 13.38 8.59
C LEU B 138 10.41 14.70 8.03
N TYR B 139 10.48 14.82 6.71
CA TYR B 139 9.93 15.98 6.02
C TYR B 139 8.90 15.50 5.01
N ASP B 140 7.80 16.25 4.89
CA ASP B 140 6.90 16.04 3.75
C ASP B 140 7.35 16.98 2.63
N GLU B 141 6.50 17.18 1.63
CA GLU B 141 6.97 17.72 0.36
C GLU B 141 6.19 18.94 -0.09
N VAL B 142 6.92 19.88 -0.71
CA VAL B 142 6.36 21.04 -1.38
C VAL B 142 6.58 20.82 -2.88
N ALA B 143 5.50 20.66 -3.65
CA ALA B 143 5.62 20.41 -5.09
C ALA B 143 6.09 21.66 -5.84
N ALA B 144 6.69 21.43 -7.01
CA ALA B 144 7.03 22.53 -7.91
C ALA B 144 5.76 22.96 -8.65
N THR B 145 5.35 24.20 -8.45
CA THR B 145 4.08 24.71 -8.94
C THR B 145 4.28 26.11 -9.48
N PRO B 146 3.32 26.63 -10.26
CA PRO B 146 3.35 28.04 -10.64
C PRO B 146 3.37 28.95 -9.41
N HIS B 147 3.74 30.20 -9.64
CA HIS B 147 4.03 31.11 -8.53
C HIS B 147 2.78 31.51 -7.75
N ASP B 148 1.59 31.33 -8.31
CA ASP B 148 0.35 31.60 -7.60
C ASP B 148 -0.29 30.35 -7.01
N GLN B 149 0.52 29.33 -6.72
CA GLN B 149 0.05 28.07 -6.17
C GLN B 149 1.02 27.61 -5.09
N LEU B 150 0.48 27.00 -4.03
CA LEU B 150 1.28 26.26 -3.07
C LEU B 150 0.78 24.83 -3.05
N GLY B 151 1.64 23.89 -3.44
CA GLY B 151 1.27 22.49 -3.46
C GLY B 151 1.99 21.72 -2.37
N LEU B 152 1.24 21.18 -1.41
CA LEU B 152 1.81 20.43 -0.30
C LEU B 152 1.40 18.98 -0.42
N VAL B 153 2.36 18.08 -0.24
CA VAL B 153 2.11 16.65 -0.22
C VAL B 153 2.58 16.19 1.15
N THR B 154 1.64 15.84 2.02
CA THR B 154 1.93 15.57 3.42
C THR B 154 1.40 14.19 3.79
N ARG B 155 1.86 13.73 4.94
CA ARG B 155 1.50 12.43 5.47
C ARG B 155 0.76 12.64 6.78
N GLU B 156 -0.30 11.87 6.97
CA GLU B 156 -1.13 11.97 8.17
C GLU B 156 -1.39 10.56 8.71
N PRO B 157 -1.55 10.41 10.03
CA PRO B 157 -1.85 9.07 10.58
C PRO B 157 -3.18 8.57 10.04
N VAL B 158 -3.26 7.25 9.82
CA VAL B 158 -4.50 6.68 9.31
C VAL B 158 -5.62 6.73 10.34
N GLY B 159 -5.28 6.70 11.63
CA GLY B 159 -6.31 6.69 12.68
C GLY B 159 -6.19 5.54 13.66
N VAL B 160 -6.90 4.45 13.40
CA VAL B 160 -6.93 3.30 14.31
C VAL B 160 -6.27 2.12 13.60
N VAL B 161 -5.22 1.58 14.22
CA VAL B 161 -4.41 0.52 13.64
C VAL B 161 -4.58 -0.74 14.48
N ALA B 162 -4.92 -1.85 13.83
CA ALA B 162 -4.90 -3.15 14.50
C ALA B 162 -3.60 -3.84 14.14
N ALA B 163 -2.89 -4.30 15.16
CA ALA B 163 -1.59 -4.95 15.00
C ALA B 163 -1.70 -6.37 15.53
N ILE B 164 -1.53 -7.35 14.63
CA ILE B 164 -1.68 -8.75 14.95
C ILE B 164 -0.31 -9.43 14.77
N VAL B 165 0.20 -10.04 15.85
CA VAL B 165 1.58 -10.56 15.82
C VAL B 165 1.67 -12.01 16.28
N PRO B 166 2.71 -12.75 15.84
CA PRO B 166 2.79 -14.18 16.18
C PRO B 166 3.59 -14.44 17.45
N TRP B 167 3.94 -15.69 17.72
CA TRP B 167 4.58 -16.05 19.00
C TRP B 167 6.09 -16.17 18.91
N ASN B 168 6.69 -16.03 17.73
CA ASN B 168 8.10 -16.37 17.59
C ASN B 168 9.01 -15.30 18.21
N PHE B 169 8.63 -14.03 18.05
CA PHE B 169 9.32 -12.90 18.68
C PHE B 169 8.24 -11.98 19.22
N PRO B 170 7.57 -12.42 20.31
CA PRO B 170 6.39 -11.69 20.81
C PRO B 170 6.63 -10.20 21.03
N LEU B 171 7.65 -9.84 21.83
CA LEU B 171 7.82 -8.43 22.16
C LEU B 171 8.45 -7.66 21.01
N MET B 172 9.49 -8.20 20.39
CA MET B 172 10.20 -7.43 19.39
C MET B 172 9.35 -7.22 18.14
N MET B 173 8.60 -8.25 17.72
CA MET B 173 7.69 -8.10 16.58
C MET B 173 6.59 -7.10 16.91
N ALA B 174 6.11 -7.11 18.17
CA ALA B 174 5.17 -6.08 18.58
C ALA B 174 5.79 -4.69 18.49
N CYS B 175 7.02 -4.54 18.97
CA CYS B 175 7.66 -3.22 18.93
C CYS B 175 7.94 -2.78 17.50
N TRP B 176 8.24 -3.73 16.60
CA TRP B 176 8.40 -3.38 15.20
C TRP B 176 7.14 -2.72 14.66
N LYS B 177 5.97 -3.15 15.12
CA LYS B 177 4.73 -2.50 14.72
C LYS B 177 4.50 -1.22 15.50
N LEU B 178 4.62 -1.29 16.84
CA LEU B 178 4.27 -0.17 17.71
C LEU B 178 5.14 1.05 17.46
N GLY B 179 6.43 0.84 17.21
CA GLY B 179 7.33 1.97 17.07
C GLY B 179 6.83 2.95 16.02
N PRO B 180 6.80 2.51 14.77
CA PRO B 180 6.32 3.40 13.71
C PRO B 180 4.84 3.76 13.82
N ALA B 181 3.99 2.84 14.31
CA ALA B 181 2.54 3.12 14.36
C ALA B 181 2.23 4.20 15.39
N LEU B 182 2.76 4.04 16.61
CA LEU B 182 2.58 5.07 17.62
C LEU B 182 3.33 6.35 17.26
N SER B 183 4.55 6.25 16.74
CA SER B 183 5.35 7.44 16.50
C SER B 183 4.65 8.40 15.55
N THR B 184 3.89 7.87 14.56
CA THR B 184 3.17 8.72 13.63
C THR B 184 1.83 9.21 14.18
N GLY B 185 1.47 8.86 15.40
CA GLY B 185 0.28 9.44 16.02
C GLY B 185 -0.96 8.57 16.02
N ASN B 186 -0.89 7.33 15.54
CA ASN B 186 -2.06 6.49 15.52
C ASN B 186 -2.41 5.99 16.92
N SER B 187 -3.66 5.56 17.09
CA SER B 187 -4.01 4.65 18.16
C SER B 187 -3.86 3.23 17.66
N VAL B 188 -3.37 2.36 18.53
CA VAL B 188 -3.08 0.97 18.18
C VAL B 188 -3.84 0.04 19.11
N VAL B 189 -4.52 -0.95 18.51
CA VAL B 189 -5.07 -2.08 19.24
C VAL B 189 -4.18 -3.27 18.92
N LEU B 190 -3.46 -3.75 19.93
CA LEU B 190 -2.47 -4.81 19.77
C LEU B 190 -3.09 -6.14 20.19
N LYS B 191 -2.91 -7.14 19.35
CA LYS B 191 -3.49 -8.46 19.55
C LYS B 191 -2.34 -9.46 19.48
N PRO B 192 -1.76 -9.83 20.63
CA PRO B 192 -0.67 -10.80 20.61
C PRO B 192 -1.19 -12.21 20.36
N SER B 193 -0.26 -13.09 20.01
CA SER B 193 -0.62 -14.49 19.85
C SER B 193 -1.13 -15.09 21.15
N GLU B 194 -2.10 -16.01 21.01
CA GLU B 194 -2.61 -16.79 22.13
C GLU B 194 -1.51 -17.63 22.78
N LYS B 195 -0.42 -17.93 22.06
CA LYS B 195 0.70 -18.67 22.61
C LYS B 195 1.74 -17.80 23.30
N SER B 196 1.57 -16.48 23.28
CA SER B 196 2.57 -15.61 23.92
C SER B 196 2.01 -14.23 24.24
N PRO B 197 0.96 -14.12 25.08
CA PRO B 197 0.37 -12.80 25.30
C PRO B 197 1.06 -11.97 26.37
N LEU B 198 2.00 -12.55 27.12
CA LEU B 198 2.36 -11.96 28.41
C LEU B 198 3.14 -10.65 28.26
N THR B 199 4.15 -10.59 27.37
CA THR B 199 4.93 -9.35 27.32
C THR B 199 4.11 -8.20 26.78
N ALA B 200 3.22 -8.46 25.82
CA ALA B 200 2.35 -7.40 25.30
C ALA B 200 1.43 -6.87 26.39
N ILE B 201 0.84 -7.78 27.18
CA ILE B 201 0.05 -7.35 28.33
C ILE B 201 0.88 -6.48 29.26
N ARG B 202 2.12 -6.90 29.53
CA ARG B 202 2.94 -6.17 30.50
C ARG B 202 3.33 -4.79 30.01
N ILE B 203 3.69 -4.65 28.72
CA ILE B 203 4.18 -3.34 28.29
C ILE B 203 3.08 -2.31 28.17
N ALA B 204 1.80 -2.74 28.18
CA ALA B 204 0.70 -1.78 28.09
C ALA B 204 0.76 -0.78 29.23
N GLN B 205 1.13 -1.23 30.42
CA GLN B 205 1.27 -0.33 31.56
C GLN B 205 2.52 0.53 31.44
N LEU B 206 3.61 0.00 30.89
CA LEU B 206 4.81 0.80 30.67
C LEU B 206 4.55 1.95 29.70
N ALA B 207 3.67 1.74 28.72
CA ALA B 207 3.36 2.82 27.78
C ALA B 207 2.73 4.00 28.49
N ILE B 208 1.78 3.72 29.39
CA ILE B 208 1.14 4.75 30.18
C ILE B 208 2.17 5.45 31.06
N GLU B 209 3.01 4.66 31.72
CA GLU B 209 4.06 5.23 32.56
C GLU B 209 4.96 6.16 31.77
N ALA B 210 5.21 5.85 30.50
CA ALA B 210 6.05 6.70 29.66
C ALA B 210 5.34 7.98 29.26
N GLY B 211 4.02 8.04 29.38
CA GLY B 211 3.25 9.18 28.91
C GLY B 211 2.38 8.95 27.68
N ILE B 212 2.26 7.72 27.21
CA ILE B 212 1.28 7.45 26.13
C ILE B 212 -0.12 7.62 26.71
N PRO B 213 -0.98 8.45 26.10
CA PRO B 213 -2.30 8.68 26.69
C PRO B 213 -3.15 7.42 26.71
N ALA B 214 -4.09 7.39 27.68
CA ALA B 214 -5.07 6.33 27.78
C ALA B 214 -5.82 6.17 26.46
N GLY B 215 -6.04 4.92 26.06
CA GLY B 215 -6.75 4.61 24.82
C GLY B 215 -5.89 4.59 23.57
N VAL B 216 -4.67 5.13 23.62
CA VAL B 216 -3.81 5.13 22.44
C VAL B 216 -3.18 3.75 22.20
N LEU B 217 -2.84 3.01 23.25
CA LEU B 217 -2.38 1.63 23.09
C LEU B 217 -3.24 0.71 23.95
N ASN B 218 -4.12 -0.05 23.27
CA ASN B 218 -4.97 -1.04 23.92
C ASN B 218 -4.48 -2.41 23.51
N VAL B 219 -4.57 -3.37 24.42
CA VAL B 219 -4.03 -4.72 24.22
C VAL B 219 -5.15 -5.72 24.50
N LEU B 220 -5.40 -6.61 23.54
CA LEU B 220 -6.50 -7.59 23.61
C LEU B 220 -5.94 -8.99 23.41
N PRO B 221 -5.58 -9.68 24.48
CA PRO B 221 -5.22 -11.09 24.34
C PRO B 221 -6.45 -11.91 23.98
N GLY B 222 -6.20 -13.07 23.40
CA GLY B 222 -7.28 -13.93 22.97
C GLY B 222 -6.87 -14.63 21.68
N TYR B 223 -7.83 -15.37 21.12
CA TYR B 223 -7.59 -16.23 19.97
C TYR B 223 -7.72 -15.45 18.67
N GLY B 224 -6.96 -15.88 17.66
CA GLY B 224 -7.06 -15.27 16.34
C GLY B 224 -8.46 -15.34 15.76
N HIS B 225 -9.13 -16.48 15.92
CA HIS B 225 -10.45 -16.66 15.32
C HIS B 225 -11.55 -15.95 16.10
N THR B 226 -11.28 -15.43 17.29
CA THR B 226 -12.29 -14.61 17.95
C THR B 226 -11.93 -13.14 17.84
N VAL B 227 -11.02 -12.66 18.70
CA VAL B 227 -10.77 -11.22 18.75
C VAL B 227 -9.96 -10.78 17.53
N GLY B 228 -9.09 -11.64 17.02
CA GLY B 228 -8.32 -11.28 15.84
C GLY B 228 -9.22 -11.08 14.63
N LYS B 229 -10.05 -12.08 14.35
CA LYS B 229 -11.04 -11.94 13.29
C LYS B 229 -11.92 -10.72 13.50
N ALA B 230 -12.32 -10.46 14.74
CA ALA B 230 -13.20 -9.32 14.99
C ALA B 230 -12.52 -7.99 14.70
N LEU B 231 -11.20 -7.90 14.90
CA LEU B 231 -10.50 -6.67 14.54
C LEU B 231 -10.34 -6.54 13.02
N ALA B 232 -10.03 -7.65 12.34
CA ALA B 232 -9.88 -7.62 10.89
C ALA B 232 -11.18 -7.23 10.20
N LEU B 233 -12.33 -7.58 10.79
CA LEU B 233 -13.64 -7.29 10.23
C LEU B 233 -14.23 -5.98 10.75
N HIS B 234 -13.55 -5.26 11.64
CA HIS B 234 -14.18 -4.13 12.30
C HIS B 234 -14.30 -2.94 11.36
N MET B 235 -15.45 -2.28 11.41
CA MET B 235 -15.77 -1.25 10.43
C MET B 235 -15.15 0.10 10.75
N ASP B 236 -14.50 0.24 11.92
CA ASP B 236 -13.84 1.49 12.27
C ASP B 236 -12.34 1.33 12.51
N VAL B 237 -11.76 0.20 12.09
CA VAL B 237 -10.32 0.01 12.05
C VAL B 237 -9.82 0.40 10.65
N ASP B 238 -8.92 1.37 10.59
CA ASP B 238 -8.44 1.88 9.30
C ASP B 238 -7.38 0.99 8.68
N THR B 239 -6.53 0.36 9.48
CA THR B 239 -5.41 -0.41 8.93
C THR B 239 -5.16 -1.60 9.83
N VAL B 240 -4.89 -2.75 9.23
CA VAL B 240 -4.44 -3.92 9.95
C VAL B 240 -3.04 -4.25 9.46
N VAL B 241 -2.11 -4.44 10.40
CA VAL B 241 -0.77 -4.92 10.08
C VAL B 241 -0.61 -6.28 10.74
N PHE B 242 0.06 -7.18 10.04
CA PHE B 242 0.06 -8.58 10.41
C PHE B 242 1.39 -9.23 10.07
N THR B 243 1.83 -10.14 10.93
CA THR B 243 2.92 -11.05 10.63
C THR B 243 2.46 -12.44 11.04
N GLY B 244 2.67 -13.42 10.17
CA GLY B 244 2.20 -14.76 10.45
C GLY B 244 2.15 -15.62 9.20
N SER B 245 1.19 -16.55 9.19
CA SER B 245 1.11 -17.54 8.13
C SER B 245 0.52 -16.94 6.87
N THR B 246 0.85 -17.56 5.74
CA THR B 246 0.26 -17.17 4.45
C THR B 246 -1.26 -17.34 4.48
N LYS B 247 -1.74 -18.45 5.04
CA LYS B 247 -3.17 -18.74 5.04
C LYS B 247 -3.97 -17.67 5.77
N ILE B 248 -3.49 -17.22 6.93
CA ILE B 248 -4.19 -16.16 7.67
C ILE B 248 -4.01 -14.82 6.96
N ALA B 249 -2.81 -14.55 6.45
CA ALA B 249 -2.59 -13.30 5.72
C ALA B 249 -3.61 -13.16 4.60
N LYS B 250 -3.88 -14.24 3.86
CA LYS B 250 -4.89 -14.20 2.82
C LYS B 250 -6.28 -13.96 3.40
N GLN B 251 -6.57 -14.57 4.56
CA GLN B 251 -7.88 -14.37 5.17
C GLN B 251 -8.12 -12.91 5.53
N LEU B 252 -7.06 -12.19 5.93
CA LEU B 252 -7.21 -10.79 6.32
C LEU B 252 -7.61 -9.92 5.12
N MET B 253 -7.02 -10.17 3.94
CA MET B 253 -7.48 -9.48 2.73
C MET B 253 -8.97 -9.71 2.50
N ILE B 254 -9.42 -10.96 2.68
CA ILE B 254 -10.84 -11.26 2.50
C ILE B 254 -11.68 -10.51 3.51
N TYR B 255 -11.29 -10.56 4.80
CA TYR B 255 -12.02 -9.83 5.83
C TYR B 255 -12.06 -8.33 5.52
N ALA B 256 -10.96 -7.77 5.03
CA ALA B 256 -10.97 -6.35 4.67
C ALA B 256 -12.00 -6.07 3.58
N GLY B 257 -12.01 -6.91 2.54
CA GLY B 257 -12.99 -6.74 1.47
C GLY B 257 -14.42 -6.94 1.93
N GLU B 258 -14.63 -7.82 2.91
CA GLU B 258 -15.97 -8.06 3.45
C GLU B 258 -16.42 -6.95 4.40
N SER B 259 -15.54 -6.03 4.80
CA SER B 259 -15.89 -5.08 5.83
C SER B 259 -15.77 -3.65 5.28
N ASN B 260 -14.67 -2.96 5.54
CA ASN B 260 -14.59 -1.52 5.27
C ASN B 260 -13.44 -1.15 4.33
N MET B 261 -12.87 -2.11 3.62
CA MET B 261 -11.78 -1.84 2.69
C MET B 261 -10.54 -1.30 3.42
N LYS B 262 -10.37 -1.65 4.70
CA LYS B 262 -9.21 -1.20 5.46
C LYS B 262 -7.92 -1.57 4.74
N ARG B 263 -6.88 -0.79 4.94
CA ARG B 263 -5.59 -1.18 4.38
C ARG B 263 -5.04 -2.39 5.13
N VAL B 264 -4.38 -3.28 4.40
CA VAL B 264 -3.87 -4.54 4.94
C VAL B 264 -2.39 -4.62 4.58
N TRP B 265 -1.54 -4.77 5.58
CA TRP B 265 -0.10 -4.93 5.35
C TRP B 265 0.33 -6.24 5.98
N LEU B 266 0.93 -7.10 5.19
CA LEU B 266 1.19 -8.48 5.56
C LEU B 266 2.66 -8.80 5.46
N GLU B 267 3.17 -9.49 6.47
CA GLU B 267 4.44 -10.20 6.37
C GLU B 267 4.12 -11.66 6.65
N ALA B 268 4.30 -12.50 5.65
CA ALA B 268 3.84 -13.88 5.74
C ALA B 268 5.03 -14.83 5.87
N GLY B 269 4.81 -16.11 5.59
CA GLY B 269 5.89 -17.07 5.64
C GLY B 269 6.92 -16.84 4.55
N GLY B 270 8.17 -17.18 4.85
CA GLY B 270 9.24 -17.09 3.88
C GLY B 270 10.38 -17.99 4.28
N LYS B 271 11.28 -18.20 3.34
CA LYS B 271 12.46 -19.03 3.54
C LYS B 271 13.70 -18.16 3.49
N SER B 272 14.78 -18.65 4.08
CA SER B 272 16.08 -17.99 3.99
C SER B 272 17.05 -18.99 3.35
N PRO B 273 16.97 -19.18 2.02
CA PRO B 273 17.97 -20.01 1.33
C PRO B 273 19.35 -19.37 1.36
N ASN B 274 20.37 -20.20 1.49
CA ASN B 274 21.76 -19.79 1.34
C ASN B 274 22.29 -20.24 -0.01
N ILE B 275 22.93 -19.31 -0.72
CA ILE B 275 23.60 -19.61 -1.98
C ILE B 275 25.09 -19.47 -1.71
N VAL B 276 25.80 -20.59 -1.70
CA VAL B 276 27.20 -20.59 -1.33
C VAL B 276 28.02 -20.87 -2.59
N PHE B 277 28.78 -19.89 -3.03
CA PHE B 277 29.68 -20.02 -4.16
C PHE B 277 31.04 -20.54 -3.69
N ALA B 278 31.77 -21.15 -4.63
CA ALA B 278 33.10 -21.67 -4.32
C ALA B 278 34.06 -20.58 -3.87
N ASP B 279 33.86 -19.33 -4.32
CA ASP B 279 34.73 -18.23 -3.90
C ASP B 279 34.22 -17.47 -2.69
N ALA B 280 33.35 -18.06 -1.88
CA ALA B 280 32.92 -17.38 -0.67
C ALA B 280 34.14 -17.02 0.19
N PRO B 281 34.21 -15.81 0.72
CA PRO B 281 35.43 -15.39 1.43
C PRO B 281 35.66 -16.13 2.74
N ASP B 282 34.61 -16.70 3.35
CA ASP B 282 34.70 -17.34 4.66
C ASP B 282 33.70 -18.49 4.68
N LEU B 283 34.18 -19.68 4.30
CA LEU B 283 33.29 -20.84 4.21
C LEU B 283 32.74 -21.23 5.57
N GLN B 284 33.49 -21.03 6.65
CA GLN B 284 32.96 -21.37 7.97
C GLN B 284 31.76 -20.50 8.32
N ALA B 285 31.81 -19.22 7.96
CA ALA B 285 30.68 -18.34 8.22
C ALA B 285 29.46 -18.79 7.43
N ALA B 286 29.67 -19.13 6.15
CA ALA B 286 28.55 -19.64 5.34
C ALA B 286 28.01 -20.92 5.94
N ALA B 287 28.89 -21.78 6.48
CA ALA B 287 28.43 -23.03 7.05
C ALA B 287 27.59 -22.80 8.30
N ASP B 288 28.06 -21.92 9.20
CA ASP B 288 27.27 -21.59 10.39
C ASP B 288 25.90 -21.06 10.00
N SER B 289 25.84 -20.23 8.96
CA SER B 289 24.58 -19.69 8.48
C SER B 289 23.61 -20.80 8.09
N ALA B 290 24.04 -21.67 7.17
CA ALA B 290 23.22 -22.82 6.78
C ALA B 290 22.79 -23.66 7.97
N ALA B 291 23.66 -23.78 8.99
CA ALA B 291 23.36 -24.64 10.12
C ALA B 291 22.34 -24.02 11.07
N SER B 292 22.25 -22.70 11.13
CA SER B 292 21.24 -22.03 11.93
C SER B 292 19.91 -22.12 11.17
N ALA B 293 19.28 -23.28 11.25
CA ALA B 293 18.00 -23.52 10.60
C ALA B 293 17.34 -24.80 11.10
N SER B 306 13.97 -25.95 4.54
CA SER B 306 15.03 -24.97 4.24
C SER B 306 16.00 -25.45 3.15
N ARG B 307 16.45 -24.55 2.29
CA ARG B 307 17.18 -24.92 1.08
C ARG B 307 18.58 -24.33 1.07
N LEU B 308 19.56 -25.17 0.81
CA LEU B 308 20.96 -24.78 0.72
C LEU B 308 21.42 -25.00 -0.72
N LEU B 309 21.74 -23.92 -1.42
CA LEU B 309 22.27 -24.00 -2.77
C LEU B 309 23.79 -23.92 -2.68
N VAL B 310 24.47 -24.92 -3.22
CA VAL B 310 25.91 -25.06 -3.06
C VAL B 310 26.53 -25.28 -4.43
N GLU B 311 27.58 -24.52 -4.73
CA GLU B 311 28.32 -24.72 -5.97
C GLU B 311 29.01 -26.08 -5.96
N ARG B 312 28.92 -26.80 -7.08
CA ARG B 312 29.33 -28.20 -7.10
C ARG B 312 30.78 -28.39 -6.62
N SER B 313 31.68 -27.48 -7.01
CA SER B 313 33.10 -27.71 -6.77
C SER B 313 33.49 -27.65 -5.29
N ILE B 314 32.70 -26.99 -4.44
CA ILE B 314 33.04 -26.96 -3.01
C ILE B 314 32.10 -27.81 -2.18
N LYS B 315 31.17 -28.53 -2.80
CA LYS B 315 30.15 -29.22 -2.03
C LYS B 315 30.74 -30.32 -1.15
N ASP B 316 31.70 -31.09 -1.66
CA ASP B 316 32.29 -32.16 -0.86
C ASP B 316 32.93 -31.62 0.39
N ARG B 317 33.60 -30.47 0.28
CA ARG B 317 34.26 -29.87 1.41
C ARG B 317 33.28 -29.10 2.31
N PHE B 318 32.18 -28.60 1.75
CA PHE B 318 31.33 -27.67 2.51
C PHE B 318 30.30 -28.39 3.36
N LEU B 319 29.72 -29.48 2.86
CA LEU B 319 28.66 -30.15 3.61
C LEU B 319 29.14 -30.71 4.95
N PRO B 320 30.34 -31.30 5.08
CA PRO B 320 30.82 -31.64 6.44
C PRO B 320 30.91 -30.44 7.36
N MET B 321 31.23 -29.26 6.83
CA MET B 321 31.27 -28.06 7.66
C MET B 321 29.90 -27.70 8.21
N VAL B 322 28.85 -27.86 7.41
CA VAL B 322 27.54 -27.51 7.95
C VAL B 322 27.05 -28.58 8.90
N ILE B 323 27.42 -29.85 8.67
CA ILE B 323 27.02 -30.92 9.58
C ILE B 323 27.67 -30.72 10.94
N GLU B 324 28.97 -30.39 10.96
CA GLU B 324 29.62 -30.08 12.22
C GLU B 324 28.96 -28.91 12.92
N ALA B 325 28.65 -27.85 12.17
CA ALA B 325 28.02 -26.67 12.79
C ALA B 325 26.62 -26.98 13.30
N LEU B 326 25.88 -27.87 12.62
CA LEU B 326 24.56 -28.24 13.11
C LEU B 326 24.64 -28.87 14.50
N GLY B 327 25.79 -29.47 14.84
CA GLY B 327 25.97 -30.09 16.14
C GLY B 327 26.12 -29.12 17.29
N THR B 328 26.51 -27.87 17.01
CA THR B 328 26.69 -26.91 18.09
C THR B 328 25.37 -26.45 18.71
N TRP B 329 24.22 -26.78 18.12
CA TRP B 329 22.93 -26.37 18.66
C TRP B 329 22.39 -27.45 19.57
N LYS B 330 22.47 -27.24 20.89
CA LYS B 330 21.96 -28.24 21.84
C LYS B 330 20.72 -27.73 22.55
N PRO B 331 19.62 -28.47 22.50
CA PRO B 331 18.43 -28.12 23.29
C PRO B 331 18.73 -28.18 24.77
N GLY B 332 18.08 -27.30 25.53
CA GLY B 332 18.28 -27.29 26.97
C GLY B 332 17.17 -26.55 27.67
N ASN B 333 17.32 -26.45 28.99
CA ASN B 333 16.41 -25.67 29.82
C ASN B 333 16.44 -24.20 29.38
N PRO B 334 15.32 -23.63 28.94
CA PRO B 334 15.33 -22.21 28.51
C PRO B 334 15.75 -21.25 29.61
N LEU B 335 15.64 -21.63 30.88
CA LEU B 335 16.08 -20.77 31.97
C LEU B 335 17.59 -20.88 32.23
N ASP B 336 18.28 -21.77 31.54
CA ASP B 336 19.71 -21.87 31.70
C ASP B 336 20.38 -20.85 30.79
N PRO B 337 21.13 -19.88 31.31
CA PRO B 337 21.79 -18.91 30.43
C PRO B 337 22.65 -19.54 29.34
N ALA B 338 23.06 -20.79 29.51
CA ALA B 338 23.90 -21.46 28.51
C ALA B 338 23.10 -22.07 27.36
N THR B 339 21.78 -22.22 27.52
CA THR B 339 20.96 -22.83 26.50
C THR B 339 20.87 -21.95 25.24
N ASN B 340 20.93 -22.57 24.06
CA ASN B 340 20.74 -21.82 22.82
C ASN B 340 19.60 -22.36 21.96
N VAL B 341 18.95 -23.44 22.38
CA VAL B 341 17.72 -23.94 21.78
C VAL B 341 16.85 -24.45 22.93
N GLY B 342 15.60 -23.99 22.99
CA GLY B 342 14.72 -24.41 24.07
C GLY B 342 14.18 -25.81 23.86
N ALA B 343 14.29 -26.65 24.90
CA ALA B 343 13.76 -28.01 24.90
C ALA B 343 12.26 -28.04 24.62
N LEU B 344 11.45 -27.62 25.60
CA LEU B 344 10.03 -27.26 25.48
C LEU B 344 9.08 -28.42 25.81
N VAL B 345 7.86 -28.06 26.23
CA VAL B 345 6.85 -28.95 26.83
C VAL B 345 7.38 -29.62 28.10
N VAL B 406 14.69 -30.86 8.31
CA VAL B 406 15.24 -31.39 7.07
C VAL B 406 15.75 -30.24 6.20
N LEU B 407 17.04 -30.28 5.91
CA LEU B 407 17.72 -29.31 5.07
C LEU B 407 17.95 -29.93 3.69
N SER B 408 17.53 -29.23 2.64
CA SER B 408 17.59 -29.78 1.28
C SER B 408 18.76 -29.18 0.52
N VAL B 409 19.60 -30.05 -0.06
CA VAL B 409 20.85 -29.65 -0.68
C VAL B 409 20.66 -29.64 -2.19
N LEU B 410 20.86 -28.48 -2.80
CA LEU B 410 20.75 -28.32 -4.24
C LEU B 410 22.09 -27.85 -4.76
N THR B 411 22.55 -28.49 -5.82
CA THR B 411 23.86 -28.24 -6.40
C THR B 411 23.69 -27.43 -7.67
N PHE B 412 24.63 -26.53 -7.93
CA PHE B 412 24.58 -25.73 -9.14
C PHE B 412 25.99 -25.55 -9.68
N ASP B 413 26.08 -25.26 -10.99
CA ASP B 413 27.36 -25.00 -11.63
C ASP B 413 27.57 -23.54 -12.02
N THR B 414 26.50 -22.80 -12.29
CA THR B 414 26.60 -21.40 -12.67
C THR B 414 25.72 -20.54 -11.78
N ALA B 415 26.02 -19.23 -11.75
CA ALA B 415 25.20 -18.28 -11.01
C ALA B 415 23.77 -18.23 -11.56
N GLU B 416 23.60 -18.50 -12.86
CA GLU B 416 22.27 -18.45 -13.48
C GLU B 416 21.37 -19.55 -12.94
N GLU B 417 21.89 -20.78 -12.87
CA GLU B 417 21.12 -21.86 -12.26
C GLU B 417 20.80 -21.55 -10.80
N ALA B 418 21.80 -21.07 -10.05
CA ALA B 418 21.55 -20.78 -8.65
C ALA B 418 20.41 -19.79 -8.49
N ILE B 419 20.39 -18.74 -9.32
CA ILE B 419 19.31 -17.76 -9.29
C ILE B 419 17.97 -18.42 -9.64
N GLN B 420 17.93 -19.20 -10.73
CA GLN B 420 16.66 -19.81 -11.12
C GLN B 420 16.15 -20.77 -10.05
N ILE B 421 17.03 -21.56 -9.46
CA ILE B 421 16.63 -22.44 -8.36
C ILE B 421 16.12 -21.64 -7.18
N ALA B 422 16.88 -20.60 -6.79
CA ALA B 422 16.49 -19.83 -5.60
C ALA B 422 15.13 -19.18 -5.80
N ASN B 423 14.88 -18.63 -6.99
CA ASN B 423 13.64 -17.92 -7.25
C ASN B 423 12.46 -18.84 -7.52
N ASP B 424 12.69 -20.16 -7.64
CA ASP B 424 11.60 -21.11 -7.91
C ASP B 424 10.86 -21.36 -6.61
N THR B 425 10.00 -20.40 -6.26
CA THR B 425 9.30 -20.45 -4.98
C THR B 425 8.12 -19.49 -5.03
N PRO B 426 6.98 -19.86 -4.43
CA PRO B 426 5.91 -18.86 -4.23
C PRO B 426 6.27 -17.77 -3.23
N TYR B 427 7.25 -18.02 -2.36
CA TYR B 427 7.61 -17.08 -1.30
C TYR B 427 8.74 -16.16 -1.77
N GLY B 428 9.30 -15.40 -0.84
CA GLY B 428 10.38 -14.49 -1.19
C GLY B 428 10.66 -13.51 -0.07
N LEU B 429 11.05 -14.00 1.09
CA LEU B 429 11.28 -13.12 2.24
C LEU B 429 12.73 -12.69 2.37
N ALA B 430 13.68 -13.61 2.25
CA ALA B 430 15.07 -13.33 2.53
C ALA B 430 15.95 -14.34 1.80
N ALA B 431 17.22 -13.99 1.67
CA ALA B 431 18.23 -14.84 1.04
C ALA B 431 19.61 -14.35 1.46
N ALA B 432 20.55 -15.28 1.55
CA ALA B 432 21.94 -14.96 1.83
C ALA B 432 22.81 -15.50 0.71
N VAL B 433 23.76 -14.69 0.26
CA VAL B 433 24.63 -14.98 -0.87
C VAL B 433 26.08 -14.86 -0.41
N TRP B 434 26.91 -15.82 -0.78
CA TRP B 434 28.28 -15.88 -0.28
C TRP B 434 29.24 -15.96 -1.45
N THR B 435 29.96 -14.86 -1.71
CA THR B 435 30.91 -14.80 -2.82
C THR B 435 31.80 -13.57 -2.63
N ALA B 436 33.08 -13.72 -2.93
CA ALA B 436 34.00 -12.57 -2.87
C ALA B 436 34.06 -11.81 -4.18
N ASN B 437 33.27 -12.17 -5.17
CA ASN B 437 33.36 -11.54 -6.47
C ASN B 437 32.41 -10.34 -6.54
N LEU B 438 32.94 -9.20 -6.98
CA LEU B 438 32.16 -7.96 -7.02
C LEU B 438 30.92 -8.09 -7.90
N SER B 439 31.11 -8.39 -9.20
CA SER B 439 29.98 -8.51 -10.11
C SER B 439 29.01 -9.59 -9.64
N LYS B 440 29.52 -10.78 -9.31
CA LYS B 440 28.64 -11.88 -8.96
C LYS B 440 27.77 -11.54 -7.76
N ALA B 441 28.35 -10.90 -6.73
CA ALA B 441 27.59 -10.50 -5.55
C ALA B 441 26.43 -9.58 -5.92
N HIS B 442 26.73 -8.50 -6.64
CA HIS B 442 25.70 -7.50 -6.92
C HIS B 442 24.68 -8.02 -7.93
N LEU B 443 25.14 -8.73 -8.98
CA LEU B 443 24.20 -9.22 -9.99
C LEU B 443 23.30 -10.30 -9.42
N THR B 444 23.83 -11.16 -8.54
CA THR B 444 22.99 -12.20 -7.95
C THR B 444 21.97 -11.59 -6.99
N ALA B 445 22.43 -10.66 -6.16
CA ALA B 445 21.52 -9.98 -5.23
C ALA B 445 20.42 -9.24 -5.99
N ARG B 446 20.75 -8.64 -7.14
CA ARG B 446 19.73 -7.96 -7.94
C ARG B 446 18.70 -8.94 -8.49
N ALA B 447 19.12 -10.12 -8.92
CA ALA B 447 18.24 -11.08 -9.58
C ALA B 447 17.35 -11.86 -8.63
N LEU B 448 17.66 -11.86 -7.33
CA LEU B 448 16.84 -12.61 -6.39
C LEU B 448 15.58 -11.84 -6.03
N ARG B 449 14.46 -12.56 -6.03
CA ARG B 449 13.18 -11.97 -5.63
C ARG B 449 12.96 -12.23 -4.14
N ALA B 450 13.61 -11.38 -3.35
CA ALA B 450 13.50 -11.47 -1.89
C ALA B 450 13.48 -10.06 -1.34
N GLY B 451 12.78 -9.87 -0.24
CA GLY B 451 12.75 -8.55 0.36
C GLY B 451 14.08 -8.15 0.97
N SER B 452 14.84 -9.12 1.46
CA SER B 452 16.15 -8.90 2.06
C SER B 452 17.15 -9.85 1.42
N VAL B 453 18.29 -9.32 0.98
CA VAL B 453 19.41 -10.13 0.53
C VAL B 453 20.61 -9.78 1.38
N TRP B 454 21.21 -10.79 2.00
CA TRP B 454 22.43 -10.62 2.78
C TRP B 454 23.59 -11.18 1.99
N VAL B 455 24.70 -10.44 1.95
CA VAL B 455 25.87 -10.84 1.18
C VAL B 455 27.03 -11.02 2.13
N ASN B 456 27.55 -12.25 2.19
CA ASN B 456 28.72 -12.61 2.99
C ASN B 456 28.46 -12.43 4.49
N GLN B 457 27.21 -12.62 4.89
CA GLN B 457 26.72 -12.59 6.26
C GLN B 457 25.27 -13.09 6.19
N TYR B 458 24.68 -13.37 7.35
CA TYR B 458 23.29 -13.79 7.37
C TYR B 458 22.53 -13.01 8.44
N ASP B 459 21.20 -12.88 8.23
CA ASP B 459 20.29 -12.23 9.18
C ASP B 459 20.81 -10.83 9.53
N GLY B 460 21.42 -10.17 8.54
CA GLY B 460 22.00 -8.87 8.72
C GLY B 460 20.98 -7.74 8.62
N GLY B 461 21.48 -6.52 8.79
CA GLY B 461 20.65 -5.33 8.79
C GLY B 461 20.26 -4.92 10.19
N ASP B 462 20.07 -3.61 10.38
CA ASP B 462 19.60 -3.09 11.67
C ASP B 462 18.29 -2.34 11.47
N MET B 463 18.03 -1.31 12.30
CA MET B 463 16.79 -0.54 12.18
C MET B 463 16.72 0.24 10.86
N THR B 464 17.87 0.57 10.24
CA THR B 464 17.84 1.31 8.97
C THR B 464 17.42 0.44 7.79
N ALA B 465 17.30 -0.88 7.97
CA ALA B 465 17.01 -1.80 6.86
C ALA B 465 15.54 -2.23 6.88
N PRO B 466 14.73 -1.85 5.90
CA PRO B 466 13.35 -2.34 5.87
C PRO B 466 13.30 -3.85 5.64
N PHE B 467 12.35 -4.50 6.30
CA PHE B 467 12.24 -5.96 6.30
C PHE B 467 10.83 -6.36 5.87
N GLY B 468 10.75 -7.26 4.90
CA GLY B 468 9.48 -7.67 4.35
C GLY B 468 9.70 -8.59 3.17
N GLY B 469 8.62 -8.87 2.44
CA GLY B 469 8.64 -9.92 1.44
C GLY B 469 8.15 -9.49 0.08
N PHE B 470 8.71 -10.15 -0.95
CA PHE B 470 8.14 -10.23 -2.29
C PHE B 470 7.05 -11.30 -2.32
N LYS B 471 6.15 -11.19 -3.31
CA LYS B 471 5.16 -12.23 -3.66
C LYS B 471 4.36 -12.61 -2.41
N GLN B 472 4.26 -13.89 -2.06
CA GLN B 472 3.37 -14.34 -1.00
C GLN B 472 4.01 -14.29 0.39
N SER B 473 5.20 -13.69 0.53
CA SER B 473 5.74 -13.40 1.86
C SER B 473 5.16 -12.13 2.45
N GLY B 474 4.33 -11.39 1.71
CA GLY B 474 3.58 -10.28 2.23
C GLY B 474 3.81 -9.01 1.43
N ASN B 475 3.38 -7.89 2.00
CA ASN B 475 3.53 -6.57 1.39
C ASN B 475 3.84 -5.55 2.49
N GLY B 476 4.60 -4.52 2.12
CA GLY B 476 5.06 -3.54 3.09
C GLY B 476 6.32 -3.98 3.81
N ARG B 477 6.86 -3.08 4.62
CA ARG B 477 8.14 -3.31 5.24
C ARG B 477 8.09 -2.84 6.69
N ASP B 478 8.72 -3.62 7.56
CA ASP B 478 8.98 -3.24 8.94
C ASP B 478 10.40 -2.68 9.03
N LYS B 479 10.63 -1.83 10.04
CA LYS B 479 11.88 -1.10 10.24
C LYS B 479 12.16 -0.09 9.13
N SER B 480 13.20 0.74 9.32
CA SER B 480 13.59 1.83 8.42
C SER B 480 12.55 2.93 8.35
N LEU B 481 12.86 4.03 7.65
CA LEU B 481 11.87 5.09 7.50
C LEU B 481 10.67 4.62 6.69
N HIS B 482 10.83 3.58 5.85
CA HIS B 482 9.72 3.11 5.03
C HIS B 482 8.63 2.43 5.85
N ALA B 483 8.96 1.94 7.06
CA ALA B 483 7.92 1.35 7.90
C ALA B 483 6.87 2.37 8.27
N PHE B 484 7.25 3.65 8.36
CA PHE B 484 6.28 4.69 8.66
C PHE B 484 5.19 4.77 7.60
N ASP B 485 5.50 4.45 6.33
CA ASP B 485 4.53 4.65 5.26
C ASP B 485 3.27 3.85 5.48
N LYS B 486 3.38 2.65 6.06
CA LYS B 486 2.22 1.80 6.28
C LYS B 486 1.23 2.39 7.27
N TYR B 487 1.63 3.41 8.03
CA TYR B 487 0.78 3.91 9.10
C TYR B 487 0.27 5.30 8.81
N THR B 488 0.58 5.84 7.62
CA THR B 488 0.15 7.16 7.22
C THR B 488 -0.55 7.10 5.86
N GLU B 489 -1.28 8.19 5.58
CA GLU B 489 -1.98 8.42 4.32
C GLU B 489 -1.45 9.70 3.69
N LEU B 490 -1.29 9.70 2.38
CA LEU B 490 -0.85 10.89 1.67
C LEU B 490 -2.01 11.84 1.43
N LYS B 491 -1.75 13.14 1.60
CA LYS B 491 -2.70 14.17 1.21
C LYS B 491 -1.98 15.19 0.32
N SER B 492 -2.64 15.58 -0.78
CA SER B 492 -2.21 16.72 -1.58
C SER B 492 -3.11 17.90 -1.30
N THR B 493 -2.53 19.02 -0.92
CA THR B 493 -3.25 20.27 -0.70
C THR B 493 -2.77 21.26 -1.74
N TRP B 494 -3.66 21.70 -2.64
CA TRP B 494 -3.36 22.65 -3.70
C TRP B 494 -4.04 23.98 -3.39
N ILE B 495 -3.23 24.98 -3.05
CA ILE B 495 -3.71 26.25 -2.53
C ILE B 495 -3.53 27.32 -3.60
N LYS B 496 -4.64 27.92 -4.02
CA LYS B 496 -4.60 29.04 -4.95
C LYS B 496 -4.24 30.31 -4.18
N LEU B 497 -3.18 30.98 -4.62
CA LEU B 497 -2.81 32.28 -4.07
C LEU B 497 -3.15 33.37 -5.09
#